data_2WBI
#
_entry.id   2WBI
#
_cell.length_a   128.089
_cell.length_b   128.089
_cell.length_c   129.910
_cell.angle_alpha   90.00
_cell.angle_beta   90.00
_cell.angle_gamma   120.00
#
_symmetry.space_group_name_H-M   'P 31 2 1'
#
loop_
_entity.id
_entity.type
_entity.pdbx_description
1 polymer 'ACYL-COA DEHYDROGENASE FAMILY MEMBER 11'
2 non-polymer 'FLAVIN-ADENINE DINUCLEOTIDE'
3 non-polymer 'PHOSPHATE ION'
4 non-polymer 'UNKNOWN ATOM OR ION'
5 water water
#
_entity_poly.entity_id   1
_entity_poly.type   'polypeptide(L)'
_entity_poly.pdbx_seq_one_letter_code
;SMSKRTFSTVLPQIDTTGQLFVQTRKGQEVLIKVKHFMKQHILPAEKEVTEFYVQNENSVDKWGKPLVIDKLKEMAKVEG
LWNLFLPAVSGLSHVDYALIAEETGKCFFAPDVFNCQAPDTGNMEVLHLYGSEEQKKQWLEPLLQGNITSCFCMTEPDVA
SSDATNIECSIQRDEDSYVINGKKWWSSGAGNPKCKIAIVLGRTQNTSLSRHKQHSMILVPMNTPGVKIIRPLSVFGYTD
NFHGGHFEIHFNQVRVPATNLILGEGRGFEISQGRLGPGRIHHCMRTVGLAERALQIMCERATQRIAFKKKLYAHEVVAH
WIAESRIAIEKIRLLTLKAAHSMDTLGSAGAKKEIAMIKVAAPRAVSKIVDWAIQVCGGAGVSQDYPLANMYAITRVLRL
ADGPDEVHLSAIATMELRDQAKRLTAKI
;
_entity_poly.pdbx_strand_id   A,B
#
loop_
_chem_comp.id
_chem_comp.type
_chem_comp.name
_chem_comp.formula
FAD non-polymer 'FLAVIN-ADENINE DINUCLEOTIDE' 'C27 H33 N9 O15 P2'
PO4 non-polymer 'PHOSPHATE ION' 'O4 P -3'
UNX non-polymer 'UNKNOWN ATOM OR ION' ?
#
# COMPACT_ATOMS: atom_id res chain seq x y z
N VAL A 22 21.32 -14.34 -30.23
CA VAL A 22 20.65 -13.88 -28.96
C VAL A 22 19.28 -13.26 -29.28
N GLN A 23 19.30 -11.95 -29.51
CA GLN A 23 18.20 -11.24 -30.12
C GLN A 23 18.25 -11.46 -31.64
N THR A 24 17.09 -11.40 -32.30
CA THR A 24 17.00 -11.38 -33.76
C THR A 24 17.15 -9.96 -34.30
N ARG A 25 17.48 -9.86 -35.60
CA ARG A 25 17.71 -8.57 -36.26
C ARG A 25 16.44 -7.72 -36.24
N LYS A 26 15.29 -8.34 -36.57
CA LYS A 26 14.01 -7.64 -36.49
C LYS A 26 13.77 -7.11 -35.07
N GLY A 27 13.97 -8.01 -34.09
CA GLY A 27 13.92 -7.69 -32.67
C GLY A 27 14.73 -6.47 -32.27
N GLN A 28 15.96 -6.37 -32.79
CA GLN A 28 16.80 -5.21 -32.51
C GLN A 28 16.21 -3.93 -33.14
N GLU A 29 15.72 -4.03 -34.37
CA GLU A 29 15.20 -2.85 -35.05
C GLU A 29 13.97 -2.32 -34.31
N VAL A 30 13.05 -3.23 -34.03
CA VAL A 30 11.78 -2.88 -33.39
C VAL A 30 12.03 -2.26 -32.01
N LEU A 31 13.00 -2.81 -31.28
CA LEU A 31 13.35 -2.24 -29.98
C LEU A 31 13.81 -0.80 -30.14
N ILE A 32 14.69 -0.57 -31.12
CA ILE A 32 15.19 0.78 -31.40
C ILE A 32 14.01 1.73 -31.69
N LYS A 33 13.07 1.28 -32.51
CA LYS A 33 11.89 2.08 -32.83
C LYS A 33 11.03 2.40 -31.60
N VAL A 34 10.85 1.41 -30.71
CA VAL A 34 10.06 1.57 -29.48
C VAL A 34 10.70 2.59 -28.52
N LYS A 35 12.02 2.48 -28.33
CA LYS A 35 12.79 3.45 -27.54
C LYS A 35 12.60 4.89 -28.06
N HIS A 36 12.73 5.10 -29.37
CA HIS A 36 12.55 6.43 -29.97
C HIS A 36 11.14 6.91 -29.64
N PHE A 37 10.13 6.12 -30.01
CA PHE A 37 8.72 6.45 -29.73
C PHE A 37 8.49 6.80 -28.26
N MET A 38 9.08 6.01 -27.38
CA MET A 38 8.96 6.23 -25.95
C MET A 38 9.50 7.63 -25.61
N LYS A 39 10.75 7.90 -25.99
CA LYS A 39 11.41 9.17 -25.66
C LYS A 39 10.73 10.37 -26.29
N GLN A 40 10.17 10.19 -27.50
CA GLN A 40 9.69 11.32 -28.31
C GLN A 40 8.18 11.60 -28.22
N HIS A 41 7.38 10.58 -27.94
CA HIS A 41 5.92 10.74 -27.88
C HIS A 41 5.30 10.33 -26.53
N ILE A 42 5.53 9.09 -26.10
CA ILE A 42 4.88 8.60 -24.88
C ILE A 42 5.30 9.40 -23.65
N LEU A 43 6.60 9.36 -23.31
CA LEU A 43 7.13 9.99 -22.09
C LEU A 43 6.78 11.49 -21.99
N PRO A 44 6.98 12.28 -23.08
CA PRO A 44 6.53 13.68 -23.02
C PRO A 44 5.02 13.85 -22.73
N ALA A 45 4.23 12.79 -22.90
CA ALA A 45 2.79 12.85 -22.65
C ALA A 45 2.41 12.43 -21.21
N GLU A 46 3.38 11.84 -20.51
CA GLU A 46 3.19 11.36 -19.12
C GLU A 46 2.63 12.44 -18.20
N LYS A 47 3.26 13.62 -18.21
CA LYS A 47 2.86 14.72 -17.33
C LYS A 47 1.34 14.90 -17.38
N GLU A 48 0.83 15.16 -18.59
CA GLU A 48 -0.60 15.35 -18.84
C GLU A 48 -1.48 14.14 -18.51
N VAL A 49 -1.13 12.97 -19.02
CA VAL A 49 -1.95 11.79 -18.81
C VAL A 49 -2.16 11.59 -17.30
N THR A 50 -1.06 11.74 -16.55
CA THR A 50 -1.08 11.64 -15.09
C THR A 50 -2.01 12.73 -14.51
N GLU A 51 -1.76 13.99 -14.90
CA GLU A 51 -2.50 15.16 -14.37
C GLU A 51 -3.83 15.44 -15.08
N LYS A 62 -15.59 7.35 -14.09
CA LYS A 62 -14.73 7.59 -15.26
C LYS A 62 -13.73 6.45 -15.43
N TRP A 63 -14.06 5.51 -16.32
CA TRP A 63 -13.28 4.27 -16.45
C TRP A 63 -12.56 4.10 -17.80
N GLY A 64 -12.54 5.17 -18.61
CA GLY A 64 -11.85 5.16 -19.90
C GLY A 64 -10.60 6.05 -19.99
N LYS A 65 -10.17 6.35 -21.21
CA LYS A 65 -8.88 7.03 -21.42
C LYS A 65 -8.98 8.36 -22.16
N PRO A 66 -8.13 9.35 -21.77
CA PRO A 66 -8.15 10.65 -22.47
C PRO A 66 -7.73 10.52 -23.95
N LEU A 67 -8.09 11.53 -24.75
CA LEU A 67 -7.86 11.49 -26.20
C LEU A 67 -6.40 11.29 -26.64
N VAL A 68 -5.46 11.90 -25.91
CA VAL A 68 -4.02 11.68 -26.18
C VAL A 68 -3.70 10.18 -26.33
N ILE A 69 -4.26 9.35 -25.45
CA ILE A 69 -4.05 7.89 -25.55
C ILE A 69 -4.45 7.36 -26.94
N ASP A 70 -5.59 7.86 -27.43
CA ASP A 70 -6.04 7.51 -28.76
C ASP A 70 -5.15 8.01 -29.91
N LYS A 71 -4.73 9.28 -29.86
CA LYS A 71 -3.85 9.81 -30.89
C LYS A 71 -2.53 9.01 -30.87
N LEU A 72 -2.06 8.71 -29.66
CA LEU A 72 -0.85 7.93 -29.51
C LEU A 72 -0.99 6.53 -30.12
N LYS A 73 -2.10 5.85 -29.82
CA LYS A 73 -2.38 4.54 -30.43
C LYS A 73 -2.33 4.59 -31.97
N GLU A 74 -3.04 5.55 -32.56
CA GLU A 74 -3.07 5.71 -34.02
C GLU A 74 -1.66 5.87 -34.60
N MET A 75 -0.84 6.76 -34.02
CA MET A 75 0.55 6.93 -34.43
C MET A 75 1.32 5.60 -34.42
N ALA A 76 1.18 4.84 -33.34
CA ALA A 76 1.83 3.54 -33.21
C ALA A 76 1.43 2.56 -34.31
N LYS A 77 0.14 2.55 -34.66
CA LYS A 77 -0.36 1.71 -35.76
C LYS A 77 0.37 2.02 -37.06
N VAL A 78 0.44 3.30 -37.40
CA VAL A 78 1.05 3.75 -38.63
C VAL A 78 2.50 3.27 -38.74
N GLU A 79 3.28 3.41 -37.67
CA GLU A 79 4.66 2.96 -37.69
C GLU A 79 4.79 1.45 -37.45
N GLY A 80 3.64 0.75 -37.40
CA GLY A 80 3.60 -0.72 -37.20
C GLY A 80 3.89 -1.23 -35.79
N LEU A 81 4.05 -0.32 -34.83
CA LEU A 81 4.35 -0.72 -33.44
C LEU A 81 3.06 -1.06 -32.73
N TRP A 82 2.63 -2.30 -32.89
CA TRP A 82 1.27 -2.73 -32.56
C TRP A 82 1.20 -4.24 -32.46
N ASN A 83 0.56 -4.73 -31.41
CA ASN A 83 0.47 -6.17 -31.18
C ASN A 83 1.84 -6.91 -31.11
N LEU A 84 2.87 -6.17 -30.68
CA LEU A 84 4.23 -6.69 -30.58
C LEU A 84 4.37 -7.97 -29.75
N PHE A 85 3.43 -8.19 -28.84
CA PHE A 85 3.44 -9.33 -27.91
C PHE A 85 3.10 -10.64 -28.59
N LEU A 86 2.53 -10.58 -29.80
CA LEU A 86 2.08 -11.79 -30.48
C LEU A 86 2.98 -12.22 -31.67
N PRO A 87 3.84 -13.23 -31.46
CA PRO A 87 4.77 -13.72 -32.48
C PRO A 87 4.13 -13.89 -33.86
N ALA A 88 3.04 -14.65 -33.92
CA ALA A 88 2.34 -14.92 -35.19
C ALA A 88 1.90 -13.66 -35.96
N VAL A 89 1.93 -12.50 -35.31
CA VAL A 89 1.59 -11.24 -35.97
C VAL A 89 2.80 -10.32 -36.06
N SER A 90 3.54 -10.21 -34.96
CA SER A 90 4.68 -9.30 -34.86
C SER A 90 5.91 -9.85 -35.57
N GLY A 91 5.96 -11.17 -35.71
CA GLY A 91 7.16 -11.85 -36.18
C GLY A 91 8.33 -11.72 -35.21
N LEU A 92 8.00 -11.50 -33.93
CA LEU A 92 9.04 -11.40 -32.88
C LEU A 92 9.11 -12.63 -32.00
N SER A 93 10.32 -13.02 -31.60
CA SER A 93 10.48 -14.08 -30.61
C SER A 93 10.16 -13.52 -29.22
N HIS A 94 9.91 -14.41 -28.26
CA HIS A 94 9.65 -14.02 -26.86
C HIS A 94 10.86 -13.35 -26.24
N VAL A 95 12.06 -13.82 -26.59
CA VAL A 95 13.26 -13.09 -26.25
C VAL A 95 13.17 -11.65 -26.81
N ASP A 96 12.88 -11.50 -28.10
CA ASP A 96 12.74 -10.17 -28.72
C ASP A 96 11.76 -9.29 -27.93
N TYR A 97 10.62 -9.85 -27.55
CA TYR A 97 9.60 -9.05 -26.89
C TYR A 97 9.96 -8.64 -25.45
N ALA A 98 10.67 -9.51 -24.74
CA ALA A 98 11.07 -9.26 -23.34
C ALA A 98 11.76 -7.92 -23.16
N LEU A 99 12.72 -7.63 -24.01
CA LEU A 99 13.40 -6.35 -24.01
C LEU A 99 12.46 -5.21 -24.39
N ILE A 100 11.53 -5.47 -25.30
CA ILE A 100 10.55 -4.44 -25.64
C ILE A 100 9.60 -4.22 -24.47
N ALA A 101 9.11 -5.31 -23.88
CA ALA A 101 8.16 -5.21 -22.78
C ALA A 101 8.79 -4.51 -21.57
N GLU A 102 10.08 -4.76 -21.37
CA GLU A 102 10.82 -4.06 -20.33
C GLU A 102 10.73 -2.55 -20.49
N GLU A 103 10.87 -2.07 -21.73
CA GLU A 103 10.77 -0.65 -22.00
C GLU A 103 9.39 -0.10 -21.71
N THR A 104 8.33 -0.83 -22.09
CA THR A 104 6.94 -0.42 -21.83
C THR A 104 6.64 -0.31 -20.33
N GLY A 105 7.28 -1.17 -19.52
CA GLY A 105 7.14 -1.13 -18.07
C GLY A 105 7.56 0.16 -17.35
N LYS A 106 8.31 1.02 -18.04
CA LYS A 106 8.77 2.28 -17.46
C LYS A 106 7.68 3.38 -17.45
N CYS A 107 6.51 3.07 -18.02
CA CYS A 107 5.41 4.03 -18.09
C CYS A 107 4.05 3.34 -17.99
N PHE A 108 3.17 3.85 -17.14
CA PHE A 108 1.96 3.10 -16.82
C PHE A 108 1.01 2.96 -18.00
N PHE A 109 1.07 3.88 -18.96
CA PHE A 109 0.20 3.80 -20.15
C PHE A 109 0.90 3.33 -21.42
N ALA A 110 2.19 3.01 -21.31
CA ALA A 110 2.94 2.55 -22.46
C ALA A 110 2.39 1.27 -23.12
N PRO A 111 2.19 0.17 -22.34
CA PRO A 111 1.66 -1.06 -22.96
C PRO A 111 0.39 -0.87 -23.79
N ASP A 112 -0.51 0.02 -23.36
CA ASP A 112 -1.77 0.28 -24.06
C ASP A 112 -1.55 0.89 -25.44
N VAL A 113 -0.60 1.82 -25.51
CA VAL A 113 -0.29 2.51 -26.74
C VAL A 113 0.10 1.52 -27.83
N PHE A 114 0.79 0.44 -27.45
CA PHE A 114 1.20 -0.57 -28.41
C PHE A 114 0.23 -1.73 -28.45
N ASN A 115 -0.91 -1.57 -27.79
CA ASN A 115 -1.90 -2.63 -27.68
C ASN A 115 -1.33 -3.91 -27.04
N CYS A 116 -0.65 -3.74 -25.91
CA CYS A 116 0.10 -4.83 -25.26
C CYS A 116 -0.33 -5.05 -23.83
N GLN A 117 -1.46 -4.47 -23.45
CA GLN A 117 -1.90 -4.45 -22.07
C GLN A 117 -2.70 -5.71 -21.68
N ALA A 118 -2.55 -6.12 -20.40
CA ALA A 118 -3.40 -7.11 -19.78
C ALA A 118 -4.68 -6.42 -19.37
N PRO A 119 -5.82 -7.15 -19.32
CA PRO A 119 -6.01 -8.60 -19.54
C PRO A 119 -6.22 -8.98 -21.00
N ASP A 120 -6.06 -8.03 -21.90
CA ASP A 120 -6.41 -8.23 -23.30
C ASP A 120 -5.41 -9.07 -24.09
N THR A 121 -4.14 -9.03 -23.70
CA THR A 121 -3.15 -9.85 -24.40
C THR A 121 -3.41 -11.33 -24.18
N GLY A 122 -3.74 -11.69 -22.94
CA GLY A 122 -4.01 -13.08 -22.58
C GLY A 122 -5.27 -13.55 -23.29
N ASN A 123 -6.29 -12.70 -23.27
CA ASN A 123 -7.56 -13.02 -23.93
C ASN A 123 -7.40 -13.20 -25.43
N MET A 124 -6.55 -12.37 -26.06
CA MET A 124 -6.22 -12.53 -27.46
C MET A 124 -5.55 -13.88 -27.72
N GLU A 125 -4.48 -14.17 -26.97
CA GLU A 125 -3.82 -15.47 -27.04
C GLU A 125 -4.80 -16.68 -26.92
N VAL A 126 -5.76 -16.60 -25.99
CA VAL A 126 -6.69 -17.71 -25.81
C VAL A 126 -7.47 -18.00 -27.09
N LEU A 127 -8.02 -16.94 -27.69
CA LEU A 127 -8.73 -17.03 -28.96
C LEU A 127 -7.79 -17.47 -30.09
N HIS A 128 -6.58 -16.93 -30.11
CA HIS A 128 -5.62 -17.24 -31.17
C HIS A 128 -5.29 -18.73 -31.24
N LEU A 129 -5.05 -19.34 -30.08
CA LEU A 129 -4.71 -20.74 -29.97
C LEU A 129 -5.91 -21.70 -29.98
N TYR A 130 -7.02 -21.28 -29.40
CA TYR A 130 -8.14 -22.21 -29.27
C TYR A 130 -9.45 -21.83 -29.92
N GLY A 131 -9.59 -20.57 -30.34
CA GLY A 131 -10.83 -20.09 -30.95
C GLY A 131 -11.17 -20.79 -32.26
N SER A 132 -12.46 -21.04 -32.48
CA SER A 132 -12.95 -21.49 -33.78
C SER A 132 -12.88 -20.30 -34.76
N GLU A 133 -13.04 -20.58 -36.05
CA GLU A 133 -12.98 -19.53 -37.08
C GLU A 133 -14.01 -18.43 -36.86
N GLU A 134 -15.23 -18.82 -36.53
CA GLU A 134 -16.32 -17.88 -36.20
C GLU A 134 -15.94 -17.02 -34.99
N GLN A 135 -15.45 -17.66 -33.93
CA GLN A 135 -15.02 -16.99 -32.70
C GLN A 135 -13.93 -15.94 -32.92
N LYS A 136 -12.94 -16.25 -33.76
CA LYS A 136 -11.92 -15.29 -34.15
C LYS A 136 -12.46 -14.12 -34.97
N LYS A 137 -13.30 -14.41 -35.97
CA LYS A 137 -13.88 -13.35 -36.83
C LYS A 137 -14.70 -12.39 -36.00
N GLN A 138 -15.27 -12.87 -34.90
CA GLN A 138 -16.16 -12.06 -34.12
C GLN A 138 -15.46 -11.26 -33.04
N TRP A 139 -14.43 -11.85 -32.42
CA TRP A 139 -13.82 -11.28 -31.22
C TRP A 139 -12.34 -11.00 -31.37
N LEU A 140 -11.58 -11.99 -31.85
CA LEU A 140 -10.15 -11.79 -32.00
C LEU A 140 -9.81 -10.58 -32.89
N GLU A 141 -10.55 -10.41 -34.00
CA GLU A 141 -10.30 -9.33 -34.93
C GLU A 141 -10.52 -7.95 -34.27
N PRO A 142 -11.70 -7.72 -33.65
CA PRO A 142 -11.89 -6.42 -33.02
C PRO A 142 -10.80 -6.11 -31.98
N LEU A 143 -10.40 -7.12 -31.20
CA LEU A 143 -9.41 -6.91 -30.14
C LEU A 143 -8.06 -6.52 -30.71
N LEU A 144 -7.63 -7.25 -31.72
CA LEU A 144 -6.39 -6.94 -32.43
C LEU A 144 -6.35 -5.51 -32.99
N GLN A 145 -7.53 -4.93 -33.15
CA GLN A 145 -7.74 -3.64 -33.78
C GLN A 145 -7.78 -2.53 -32.70
N GLY A 146 -8.02 -2.95 -31.45
CA GLY A 146 -8.19 -2.04 -30.33
C GLY A 146 -9.57 -1.40 -30.32
N ASN A 147 -10.54 -2.04 -30.98
CA ASN A 147 -11.89 -1.50 -31.06
C ASN A 147 -12.72 -1.77 -29.81
N ILE A 148 -12.56 -2.98 -29.27
CA ILE A 148 -13.19 -3.39 -28.02
C ILE A 148 -12.13 -3.86 -27.03
N THR A 149 -12.51 -4.01 -25.77
CA THR A 149 -11.64 -4.67 -24.78
C THR A 149 -12.39 -5.82 -24.16
N SER A 150 -11.71 -6.54 -23.27
CA SER A 150 -12.21 -7.78 -22.73
C SER A 150 -11.76 -7.92 -21.29
N CYS A 151 -12.37 -8.86 -20.56
CA CYS A 151 -11.93 -9.18 -19.22
C CYS A 151 -11.96 -10.67 -19.03
N PHE A 152 -11.07 -11.17 -18.19
CA PHE A 152 -10.97 -12.59 -17.88
C PHE A 152 -11.65 -12.84 -16.55
N CYS A 153 -12.53 -13.82 -16.48
CA CYS A 153 -13.29 -14.06 -15.23
C CYS A 153 -13.08 -15.45 -14.68
N MET A 154 -12.18 -15.56 -13.71
CA MET A 154 -11.87 -16.84 -13.09
C MET A 154 -12.13 -16.85 -11.57
N THR A 155 -11.54 -15.88 -10.86
CA THR A 155 -11.62 -15.78 -9.40
C THR A 155 -13.02 -15.56 -8.83
N GLU A 156 -13.36 -16.34 -7.81
CA GLU A 156 -14.66 -16.24 -7.13
C GLU A 156 -14.50 -15.85 -5.66
N PRO A 157 -15.34 -14.91 -5.17
CA PRO A 157 -15.18 -14.50 -3.77
C PRO A 157 -15.37 -15.60 -2.72
N ASP A 158 -16.34 -16.48 -2.94
CA ASP A 158 -16.76 -17.45 -1.90
C ASP A 158 -15.90 -18.70 -1.77
N VAL A 159 -14.92 -18.88 -2.64
CA VAL A 159 -14.04 -20.05 -2.57
C VAL A 159 -12.59 -19.65 -2.78
N ALA A 160 -11.67 -20.40 -2.18
CA ALA A 160 -10.25 -20.19 -2.40
C ALA A 160 -9.88 -20.53 -3.86
N SER A 161 -9.72 -19.48 -4.67
CA SER A 161 -9.59 -19.58 -6.12
C SER A 161 -8.18 -19.88 -6.62
N SER A 162 -7.21 -19.90 -5.71
CA SER A 162 -5.85 -20.30 -6.00
C SER A 162 -5.78 -21.80 -6.30
N ASP A 163 -6.76 -22.55 -5.83
CA ASP A 163 -6.94 -23.94 -6.28
C ASP A 163 -8.11 -23.94 -7.26
N ALA A 164 -7.81 -23.97 -8.56
CA ALA A 164 -8.84 -23.76 -9.57
C ALA A 164 -9.95 -24.81 -9.57
N THR A 165 -9.70 -25.97 -8.95
CA THR A 165 -10.75 -27.01 -8.85
C THR A 165 -11.92 -26.61 -7.92
N ASN A 166 -11.70 -25.58 -7.11
CA ASN A 166 -12.69 -25.07 -6.18
C ASN A 166 -13.78 -24.23 -6.85
N ILE A 167 -13.54 -23.81 -8.09
CA ILE A 167 -14.48 -22.94 -8.78
C ILE A 167 -15.85 -23.60 -8.93
N GLU A 168 -16.88 -22.93 -8.43
CA GLU A 168 -18.23 -23.51 -8.49
C GLU A 168 -19.22 -22.79 -9.40
N CYS A 169 -18.80 -21.70 -10.04
CA CYS A 169 -19.65 -21.00 -11.00
C CYS A 169 -20.22 -21.95 -12.06
N SER A 170 -21.52 -22.16 -11.98
CA SER A 170 -22.21 -23.22 -12.70
C SER A 170 -22.39 -22.93 -14.19
N ILE A 171 -22.13 -23.95 -15.01
CA ILE A 171 -22.43 -23.91 -16.44
C ILE A 171 -23.23 -25.15 -16.83
N GLN A 172 -24.46 -24.95 -17.26
CA GLN A 172 -25.31 -26.08 -17.63
C GLN A 172 -25.75 -25.99 -19.08
N ARG A 173 -26.05 -27.14 -19.69
CA ARG A 173 -26.29 -27.25 -21.12
C ARG A 173 -27.71 -27.70 -21.50
N ASP A 174 -28.49 -26.84 -22.16
CA ASP A 174 -29.67 -27.34 -22.89
C ASP A 174 -29.50 -27.22 -24.38
N GLU A 175 -29.63 -28.35 -25.07
CA GLU A 175 -29.57 -28.49 -26.52
C GLU A 175 -28.82 -27.41 -27.32
N ASP A 176 -29.38 -26.21 -27.39
N ASP A 176 -29.43 -26.23 -27.37
CA ASP A 176 -28.85 -25.16 -28.26
CA ASP A 176 -29.02 -25.08 -28.18
C ASP A 176 -27.87 -24.22 -27.56
C ASP A 176 -27.94 -24.21 -27.55
N SER A 177 -27.96 -24.14 -26.23
CA SER A 177 -27.29 -23.08 -25.47
C SER A 177 -26.76 -23.49 -24.12
N TYR A 178 -26.00 -22.59 -23.49
CA TYR A 178 -25.51 -22.77 -22.11
C TYR A 178 -26.11 -21.75 -21.15
N VAL A 179 -26.44 -22.19 -19.94
CA VAL A 179 -26.90 -21.29 -18.88
C VAL A 179 -25.85 -21.17 -17.79
N ILE A 180 -25.51 -19.93 -17.43
CA ILE A 180 -24.43 -19.65 -16.50
C ILE A 180 -24.99 -18.98 -15.24
N ASN A 181 -24.59 -19.50 -14.08
CA ASN A 181 -24.92 -18.90 -12.78
C ASN A 181 -23.72 -18.88 -11.84
N GLY A 182 -23.38 -17.71 -11.32
CA GLY A 182 -22.32 -17.61 -10.35
C GLY A 182 -21.88 -16.20 -10.05
N LYS A 183 -20.89 -16.10 -9.15
CA LYS A 183 -20.26 -14.86 -8.78
C LYS A 183 -18.80 -14.86 -9.23
N LYS A 184 -18.36 -13.73 -9.78
CA LYS A 184 -16.96 -13.58 -10.11
C LYS A 184 -16.47 -12.25 -9.54
N TRP A 185 -15.20 -12.17 -9.15
CA TRP A 185 -14.64 -10.88 -8.75
C TRP A 185 -13.18 -10.71 -9.16
N TRP A 186 -12.69 -9.48 -9.02
CA TRP A 186 -11.37 -9.08 -9.52
C TRP A 186 -11.24 -9.12 -11.04
N SER A 187 -12.36 -8.95 -11.73
CA SER A 187 -12.31 -8.91 -13.17
C SER A 187 -11.74 -7.58 -13.58
N SER A 188 -10.51 -7.59 -14.05
CA SER A 188 -9.86 -6.36 -14.40
C SER A 188 -10.34 -5.82 -15.74
N GLY A 189 -10.75 -4.55 -15.75
CA GLY A 189 -11.04 -3.83 -17.00
C GLY A 189 -12.51 -3.73 -17.32
N ALA A 190 -13.34 -4.43 -16.54
CA ALA A 190 -14.79 -4.45 -16.76
C ALA A 190 -15.48 -3.09 -16.77
N GLY A 191 -14.85 -2.10 -16.13
CA GLY A 191 -15.43 -0.76 -16.02
C GLY A 191 -15.35 0.02 -17.32
N ASN A 192 -14.41 -0.39 -18.15
CA ASN A 192 -14.17 0.23 -19.44
C ASN A 192 -15.39 0.08 -20.36
N PRO A 193 -16.00 1.20 -20.79
CA PRO A 193 -17.16 1.11 -21.70
C PRO A 193 -16.91 0.31 -22.98
N LYS A 194 -15.65 0.23 -23.41
CA LYS A 194 -15.25 -0.61 -24.54
C LYS A 194 -15.20 -2.12 -24.24
N CYS A 195 -15.25 -2.50 -22.97
CA CYS A 195 -15.17 -3.90 -22.61
C CYS A 195 -16.45 -4.62 -22.98
N LYS A 196 -16.50 -5.20 -24.17
CA LYS A 196 -17.72 -5.86 -24.64
C LYS A 196 -17.74 -7.37 -24.45
N ILE A 197 -16.60 -7.97 -24.07
CA ILE A 197 -16.50 -9.42 -24.04
C ILE A 197 -15.76 -10.06 -22.84
N ALA A 198 -16.36 -11.11 -22.29
CA ALA A 198 -15.81 -11.79 -21.15
C ALA A 198 -15.48 -13.26 -21.42
N ILE A 199 -14.29 -13.67 -20.98
CA ILE A 199 -13.90 -15.05 -21.07
C ILE A 199 -14.06 -15.63 -19.67
N VAL A 200 -14.88 -16.66 -19.55
CA VAL A 200 -15.34 -17.09 -18.23
C VAL A 200 -15.04 -18.56 -17.94
N LEU A 201 -14.52 -18.84 -16.75
CA LEU A 201 -14.18 -20.21 -16.38
C LEU A 201 -15.22 -20.75 -15.42
N GLY A 202 -15.89 -21.82 -15.79
CA GLY A 202 -16.93 -22.36 -14.93
C GLY A 202 -16.90 -23.86 -14.81
N ARG A 203 -17.78 -24.40 -13.96
CA ARG A 203 -17.89 -25.82 -13.76
C ARG A 203 -18.94 -26.44 -14.72
N THR A 204 -18.49 -27.43 -15.48
CA THR A 204 -19.38 -28.25 -16.27
C THR A 204 -19.47 -29.60 -15.57
N GLN A 205 -20.39 -29.70 -14.64
CA GLN A 205 -20.54 -30.92 -13.86
C GLN A 205 -20.87 -32.07 -14.78
N ASN A 206 -20.02 -33.09 -14.76
CA ASN A 206 -20.16 -34.20 -15.68
C ASN A 206 -19.65 -35.46 -15.03
N THR A 207 -20.56 -36.41 -14.85
CA THR A 207 -20.30 -37.56 -13.99
C THR A 207 -19.36 -38.58 -14.61
N SER A 208 -19.25 -38.49 -15.93
CA SER A 208 -18.43 -39.41 -16.71
C SER A 208 -16.99 -38.88 -16.91
N LEU A 209 -16.72 -37.68 -16.44
CA LEU A 209 -15.34 -37.19 -16.47
C LEU A 209 -14.77 -37.14 -15.05
N SER A 210 -13.45 -36.99 -14.93
CA SER A 210 -12.80 -37.03 -13.63
C SER A 210 -12.73 -35.65 -12.96
N ARG A 211 -12.32 -35.63 -11.70
CA ARG A 211 -12.22 -34.40 -10.90
C ARG A 211 -11.51 -33.25 -11.62
N HIS A 212 -10.51 -33.55 -12.43
CA HIS A 212 -9.75 -32.48 -13.07
C HIS A 212 -10.28 -32.05 -14.44
N LYS A 213 -11.35 -32.68 -14.91
CA LYS A 213 -11.96 -32.37 -16.21
C LYS A 213 -13.38 -31.84 -16.04
N GLN A 214 -13.57 -31.00 -15.04
CA GLN A 214 -14.92 -30.60 -14.65
C GLN A 214 -15.19 -29.16 -15.02
N HIS A 215 -14.27 -28.51 -15.72
CA HIS A 215 -14.33 -27.09 -15.99
C HIS A 215 -14.15 -26.67 -17.45
N SER A 216 -14.79 -25.56 -17.81
CA SER A 216 -14.82 -25.07 -19.18
C SER A 216 -14.63 -23.56 -19.26
N MET A 217 -14.27 -23.10 -20.44
CA MET A 217 -14.09 -21.69 -20.72
C MET A 217 -15.13 -21.29 -21.77
N ILE A 218 -15.76 -20.15 -21.58
CA ILE A 218 -16.87 -19.78 -22.44
C ILE A 218 -16.89 -18.28 -22.66
N LEU A 219 -17.19 -17.87 -23.89
CA LEU A 219 -17.28 -16.46 -24.23
C LEU A 219 -18.63 -15.94 -23.81
N VAL A 220 -18.64 -14.79 -23.14
CA VAL A 220 -19.87 -14.18 -22.66
C VAL A 220 -19.81 -12.68 -22.95
N PRO A 221 -20.66 -12.20 -23.88
CA PRO A 221 -20.69 -10.78 -24.16
C PRO A 221 -21.22 -10.03 -22.95
N MET A 222 -20.58 -8.91 -22.64
CA MET A 222 -20.94 -8.12 -21.47
C MET A 222 -22.40 -7.63 -21.45
N ASN A 223 -23.00 -7.43 -22.62
CA ASN A 223 -24.37 -6.91 -22.73
C ASN A 223 -25.44 -8.01 -22.72
N THR A 224 -25.06 -9.22 -22.36
CA THR A 224 -26.01 -10.34 -22.29
C THR A 224 -26.94 -10.20 -21.07
N PRO A 225 -28.26 -10.29 -21.26
CA PRO A 225 -29.20 -10.25 -20.11
C PRO A 225 -28.76 -11.18 -18.97
N GLY A 226 -28.71 -10.67 -17.74
CA GLY A 226 -28.33 -11.47 -16.59
C GLY A 226 -26.92 -11.18 -16.09
N VAL A 227 -26.12 -10.52 -16.91
CA VAL A 227 -24.78 -10.09 -16.55
C VAL A 227 -24.89 -8.75 -15.82
N LYS A 228 -24.49 -8.74 -14.55
CA LYS A 228 -24.57 -7.53 -13.72
C LYS A 228 -23.22 -7.21 -13.08
N ILE A 229 -22.70 -6.03 -13.37
CA ILE A 229 -21.51 -5.53 -12.72
C ILE A 229 -21.93 -4.94 -11.37
N ILE A 230 -21.39 -5.48 -10.28
CA ILE A 230 -21.85 -5.11 -8.95
C ILE A 230 -21.10 -3.92 -8.36
N ARG A 231 -19.77 -4.01 -8.29
CA ARG A 231 -19.01 -2.96 -7.61
C ARG A 231 -17.54 -3.02 -7.97
N PRO A 232 -16.84 -1.86 -7.92
CA PRO A 232 -15.38 -1.83 -8.07
C PRO A 232 -14.64 -2.22 -6.80
N LEU A 233 -13.41 -2.70 -6.93
CA LEU A 233 -12.60 -3.13 -5.80
C LEU A 233 -11.34 -2.30 -5.78
N SER A 234 -10.93 -1.84 -4.59
CA SER A 234 -9.72 -1.02 -4.49
C SER A 234 -8.48 -1.86 -4.11
N VAL A 235 -7.31 -1.32 -4.44
CA VAL A 235 -6.02 -1.86 -4.03
C VAL A 235 -5.32 -0.76 -3.23
N PHE A 236 -5.09 -0.99 -1.93
CA PHE A 236 -4.70 0.10 -1.03
C PHE A 236 -5.41 1.43 -1.38
N GLY A 237 -6.71 1.37 -1.61
CA GLY A 237 -7.46 2.59 -1.92
C GLY A 237 -7.10 3.33 -3.21
N TYR A 238 -6.50 2.60 -4.16
CA TYR A 238 -6.50 2.98 -5.57
C TYR A 238 -7.63 2.20 -6.25
N THR A 239 -8.30 2.81 -7.21
CA THR A 239 -9.36 2.09 -7.92
C THR A 239 -8.92 1.68 -9.33
N ASP A 240 -7.82 2.26 -9.79
CA ASP A 240 -7.16 1.90 -11.04
C ASP A 240 -8.05 2.25 -12.23
N ASN A 241 -8.76 3.37 -12.10
CA ASN A 241 -9.65 3.90 -13.15
C ASN A 241 -9.07 3.90 -14.57
N PHE A 242 -7.79 4.21 -14.67
CA PHE A 242 -7.15 4.34 -15.96
C PHE A 242 -7.22 3.08 -16.81
N HIS A 243 -6.89 1.94 -16.22
CA HIS A 243 -7.03 0.63 -16.91
C HIS A 243 -8.39 0.06 -16.57
N GLY A 244 -9.28 0.96 -16.14
CA GLY A 244 -10.24 0.66 -15.09
C GLY A 244 -11.19 -0.49 -15.26
N GLY A 245 -11.45 -1.23 -14.19
CA GLY A 245 -10.74 -1.10 -12.91
C GLY A 245 -10.64 -2.55 -12.51
N HIS A 246 -11.31 -2.93 -11.43
CA HIS A 246 -11.41 -4.36 -11.02
C HIS A 246 -12.77 -4.58 -10.38
N PHE A 247 -13.59 -5.44 -10.96
CA PHE A 247 -15.01 -5.51 -10.57
C PHE A 247 -15.55 -6.85 -10.13
N GLU A 248 -16.49 -6.81 -9.20
CA GLU A 248 -17.33 -7.95 -8.94
C GLU A 248 -18.43 -7.99 -10.00
N ILE A 249 -18.59 -9.15 -10.65
CA ILE A 249 -19.61 -9.35 -11.66
C ILE A 249 -20.41 -10.58 -11.31
N HIS A 250 -21.73 -10.45 -11.32
CA HIS A 250 -22.58 -11.61 -11.08
C HIS A 250 -23.17 -12.13 -12.37
N PHE A 251 -23.39 -13.43 -12.40
CA PHE A 251 -23.94 -14.06 -13.57
C PHE A 251 -25.22 -14.70 -13.13
N ASN A 252 -26.30 -14.06 -13.53
CA ASN A 252 -27.61 -14.43 -13.08
C ASN A 252 -28.42 -14.98 -14.25
N GLN A 253 -28.41 -16.31 -14.41
CA GLN A 253 -29.17 -17.01 -15.45
C GLN A 253 -28.80 -16.56 -16.87
N VAL A 254 -27.53 -16.37 -17.17
CA VAL A 254 -27.18 -15.88 -18.51
C VAL A 254 -27.11 -16.99 -19.56
N ARG A 255 -27.78 -16.77 -20.69
CA ARG A 255 -27.87 -17.77 -21.76
C ARG A 255 -27.05 -17.36 -22.97
N VAL A 256 -26.14 -18.23 -23.37
CA VAL A 256 -25.27 -17.96 -24.51
C VAL A 256 -25.34 -19.16 -25.45
N PRO A 257 -25.08 -18.94 -26.76
CA PRO A 257 -25.09 -20.03 -27.74
C PRO A 257 -24.01 -21.06 -27.43
N ALA A 258 -24.31 -22.35 -27.66
CA ALA A 258 -23.33 -23.43 -27.45
C ALA A 258 -22.02 -23.19 -28.17
N THR A 259 -22.09 -22.48 -29.28
CA THR A 259 -20.92 -22.15 -30.09
C THR A 259 -20.02 -21.12 -29.42
N ASN A 260 -20.38 -20.71 -28.22
CA ASN A 260 -19.56 -19.76 -27.43
C ASN A 260 -18.52 -20.47 -26.56
N LEU A 261 -18.68 -21.77 -26.40
CA LEU A 261 -17.70 -22.58 -25.71
C LEU A 261 -16.37 -22.57 -26.44
N ILE A 262 -15.30 -22.49 -25.68
CA ILE A 262 -13.94 -22.51 -26.22
C ILE A 262 -13.35 -23.91 -26.20
N LEU A 263 -12.99 -24.40 -27.38
CA LEU A 263 -12.28 -25.66 -27.58
C LEU A 263 -13.07 -26.93 -27.28
N GLY A 264 -13.51 -27.09 -26.03
CA GLY A 264 -14.25 -28.28 -25.66
C GLY A 264 -14.58 -28.34 -24.19
N GLU A 265 -15.63 -29.09 -23.86
CA GLU A 265 -16.04 -29.27 -22.48
C GLU A 265 -14.98 -30.06 -21.73
N GLY A 266 -14.62 -29.60 -20.55
CA GLY A 266 -13.61 -30.27 -19.72
C GLY A 266 -12.22 -29.68 -19.88
N ARG A 267 -12.05 -28.72 -20.76
CA ARG A 267 -10.71 -28.24 -21.12
C ARG A 267 -10.32 -26.94 -20.43
N GLY A 268 -11.18 -26.50 -19.51
CA GLY A 268 -10.96 -25.29 -18.73
C GLY A 268 -9.54 -25.08 -18.23
N PHE A 269 -9.06 -25.99 -17.40
CA PHE A 269 -7.69 -25.84 -16.82
C PHE A 269 -6.61 -25.69 -17.88
N GLU A 270 -6.67 -26.54 -18.90
CA GLU A 270 -5.78 -26.44 -20.04
C GLU A 270 -5.69 -25.02 -20.65
N ILE A 271 -6.85 -24.42 -20.91
CA ILE A 271 -6.90 -23.11 -21.55
C ILE A 271 -6.36 -22.05 -20.60
N SER A 272 -6.69 -22.15 -19.32
CA SER A 272 -6.20 -21.16 -18.37
C SER A 272 -4.69 -21.26 -18.24
N GLN A 273 -4.14 -22.47 -18.34
CA GLN A 273 -2.68 -22.65 -18.31
C GLN A 273 -2.08 -22.05 -19.59
N GLY A 274 -2.76 -22.32 -20.71
CA GLY A 274 -2.39 -21.76 -22.00
C GLY A 274 -2.28 -20.25 -21.98
N ARG A 275 -3.25 -19.57 -21.36
CA ARG A 275 -3.23 -18.11 -21.32
C ARG A 275 -2.36 -17.53 -20.21
N LEU A 276 -2.36 -18.14 -19.03
CA LEU A 276 -1.64 -17.54 -17.91
C LEU A 276 -0.10 -17.62 -18.02
N GLY A 277 0.40 -18.62 -18.75
CA GLY A 277 1.85 -18.74 -18.99
C GLY A 277 2.46 -17.44 -19.54
N PRO A 278 1.98 -16.99 -20.72
CA PRO A 278 2.39 -15.70 -21.25
C PRO A 278 2.02 -14.56 -20.30
N GLY A 279 0.76 -14.56 -19.82
CA GLY A 279 0.32 -13.58 -18.84
C GLY A 279 1.36 -13.39 -17.74
N ARG A 280 1.72 -14.50 -17.09
CA ARG A 280 2.74 -14.48 -16.07
C ARG A 280 4.03 -13.80 -16.55
N ILE A 281 4.55 -14.21 -17.70
CA ILE A 281 5.83 -13.69 -18.16
C ILE A 281 5.80 -12.22 -18.61
N HIS A 282 4.69 -11.79 -19.22
CA HIS A 282 4.57 -10.39 -19.65
C HIS A 282 4.59 -9.44 -18.47
N HIS A 283 3.93 -9.83 -17.39
CA HIS A 283 3.93 -9.05 -16.17
C HIS A 283 5.33 -8.91 -15.60
N CYS A 284 6.12 -10.00 -15.64
CA CYS A 284 7.48 -9.97 -15.12
C CYS A 284 8.40 -9.10 -15.98
N MET A 285 8.33 -9.23 -17.31
CA MET A 285 9.11 -8.34 -18.19
C MET A 285 8.83 -6.87 -17.87
N ARG A 286 7.57 -6.51 -17.73
CA ARG A 286 7.21 -5.14 -17.44
C ARG A 286 7.80 -4.67 -16.11
N THR A 287 7.82 -5.59 -15.15
CA THR A 287 8.36 -5.32 -13.83
C THR A 287 9.84 -4.91 -13.83
N VAL A 288 10.63 -5.50 -14.71
CA VAL A 288 12.04 -5.13 -14.84
C VAL A 288 12.16 -3.65 -15.17
N GLY A 289 11.34 -3.17 -16.11
CA GLY A 289 11.31 -1.75 -16.45
C GLY A 289 10.83 -0.90 -15.29
N LEU A 290 9.78 -1.35 -14.62
CA LEU A 290 9.33 -0.71 -13.40
C LEU A 290 10.52 -0.51 -12.43
N ALA A 291 11.29 -1.57 -12.19
CA ALA A 291 12.36 -1.53 -11.23
C ALA A 291 13.43 -0.53 -11.66
N GLU A 292 13.76 -0.54 -12.95
CA GLU A 292 14.80 0.35 -13.47
C GLU A 292 14.36 1.81 -13.32
N ARG A 293 13.05 2.05 -13.40
CA ARG A 293 12.51 3.37 -13.11
C ARG A 293 12.65 3.79 -11.62
N ALA A 294 12.28 2.88 -10.71
CA ALA A 294 12.44 3.08 -9.27
C ALA A 294 13.87 3.42 -8.87
N LEU A 295 14.84 2.68 -9.42
CA LEU A 295 16.24 2.91 -9.09
C LEU A 295 16.71 4.25 -9.63
N GLN A 296 16.18 4.64 -10.78
CA GLN A 296 16.47 5.97 -11.30
C GLN A 296 15.94 7.00 -10.33
N ILE A 297 14.71 6.80 -9.87
CA ILE A 297 14.12 7.82 -9.02
C ILE A 297 14.93 7.89 -7.72
N MET A 298 15.36 6.72 -7.24
CA MET A 298 16.14 6.59 -6.01
C MET A 298 17.49 7.33 -6.05
N CYS A 299 18.15 7.28 -7.19
CA CYS A 299 19.44 7.94 -7.34
C CYS A 299 19.37 9.44 -7.59
N GLU A 300 18.39 9.88 -8.38
CA GLU A 300 18.15 11.32 -8.54
C GLU A 300 17.92 11.93 -7.16
N ARG A 301 17.08 11.26 -6.36
CA ARG A 301 16.72 11.75 -5.04
C ARG A 301 17.92 11.75 -4.08
N ALA A 302 18.65 10.63 -4.03
CA ALA A 302 19.78 10.48 -3.13
C ALA A 302 20.90 11.47 -3.41
N THR A 303 20.80 12.22 -4.51
CA THR A 303 21.83 13.24 -4.85
C THR A 303 21.31 14.66 -4.65
N GLN A 304 19.98 14.80 -4.65
CA GLN A 304 19.32 16.10 -4.45
C GLN A 304 19.11 16.48 -2.99
N ARG A 305 19.45 15.59 -2.06
CA ARG A 305 19.11 15.83 -0.64
C ARG A 305 20.31 15.74 0.27
N ILE A 306 20.55 16.80 1.03
CA ILE A 306 21.59 16.83 2.05
C ILE A 306 20.98 16.62 3.46
N ALA A 307 21.38 15.54 4.11
CA ALA A 307 21.04 15.30 5.51
C ALA A 307 22.27 14.94 6.33
N PHE A 308 22.40 15.56 7.49
CA PHE A 308 23.59 15.45 8.36
C PHE A 308 24.92 15.75 7.66
N LYS A 309 24.91 16.82 6.84
CA LYS A 309 26.11 17.36 6.19
C LYS A 309 26.67 16.51 5.02
N LYS A 310 25.86 15.60 4.49
CA LYS A 310 26.23 14.70 3.38
C LYS A 310 25.06 14.53 2.43
N LYS A 311 25.32 14.35 1.14
CA LYS A 311 24.24 13.95 0.26
C LYS A 311 23.79 12.56 0.73
N LEU A 312 22.55 12.16 0.47
CA LEU A 312 22.07 10.87 1.01
C LEU A 312 22.82 9.62 0.52
N TYR A 313 23.32 9.66 -0.72
CA TYR A 313 24.06 8.52 -1.26
C TYR A 313 25.39 8.35 -0.53
N ALA A 314 25.79 9.35 0.26
CA ALA A 314 27.04 9.28 1.01
C ALA A 314 26.84 8.63 2.38
N HIS A 315 25.58 8.36 2.72
CA HIS A 315 25.26 7.55 3.89
C HIS A 315 25.24 6.11 3.42
N GLU A 316 26.19 5.33 3.90
CA GLU A 316 26.52 4.04 3.30
C GLU A 316 25.34 3.06 3.17
N VAL A 317 24.40 3.16 4.09
CA VAL A 317 23.23 2.31 4.08
C VAL A 317 22.40 2.59 2.82
N VAL A 318 22.29 3.87 2.44
CA VAL A 318 21.56 4.25 1.22
C VAL A 318 22.36 3.77 0.01
N ALA A 319 23.67 3.97 0.07
CA ALA A 319 24.55 3.43 -0.96
C ALA A 319 24.27 1.96 -1.21
N HIS A 320 24.19 1.17 -0.14
CA HIS A 320 24.04 -0.27 -0.29
C HIS A 320 22.68 -0.70 -0.79
N TRP A 321 21.64 0.10 -0.55
CA TRP A 321 20.35 -0.13 -1.20
C TRP A 321 20.45 0.05 -2.72
N ILE A 322 21.14 1.11 -3.14
CA ILE A 322 21.37 1.33 -4.57
C ILE A 322 22.04 0.09 -5.20
N ALA A 323 23.13 -0.33 -4.59
CA ALA A 323 23.86 -1.50 -5.04
C ALA A 323 23.00 -2.77 -5.06
N GLU A 324 22.38 -3.11 -3.94
CA GLU A 324 21.49 -4.27 -3.88
C GLU A 324 20.40 -4.27 -4.95
N SER A 325 19.87 -3.08 -5.26
CA SER A 325 18.88 -2.92 -6.31
C SER A 325 19.45 -3.24 -7.68
N ARG A 326 20.66 -2.75 -7.96
CA ARG A 326 21.30 -3.09 -9.23
C ARG A 326 21.47 -4.60 -9.37
N ILE A 327 22.03 -5.22 -8.34
CA ILE A 327 22.17 -6.67 -8.33
C ILE A 327 20.83 -7.38 -8.60
N ALA A 328 19.77 -6.96 -7.93
CA ALA A 328 18.50 -7.65 -8.08
C ALA A 328 17.95 -7.56 -9.51
N ILE A 329 18.07 -6.37 -10.13
CA ILE A 329 17.55 -6.13 -11.46
C ILE A 329 18.24 -7.05 -12.49
N GLU A 330 19.57 -7.06 -12.47
CA GLU A 330 20.32 -7.96 -13.34
C GLU A 330 19.89 -9.42 -13.17
N LYS A 331 19.81 -9.89 -11.93
CA LYS A 331 19.33 -11.25 -11.69
C LYS A 331 17.97 -11.50 -12.32
N ILE A 332 17.01 -10.60 -12.13
CA ILE A 332 15.67 -10.90 -12.62
C ILE A 332 15.50 -10.68 -14.11
N ARG A 333 16.18 -9.68 -14.68
CA ARG A 333 16.17 -9.52 -16.13
C ARG A 333 16.66 -10.81 -16.79
N LEU A 334 17.79 -11.33 -16.31
CA LEU A 334 18.37 -12.58 -16.81
C LEU A 334 17.42 -13.75 -16.66
N LEU A 335 16.78 -13.85 -15.51
CA LEU A 335 15.87 -14.97 -15.30
C LEU A 335 14.62 -14.84 -16.19
N THR A 336 14.17 -13.61 -16.43
CA THR A 336 13.12 -13.34 -17.40
C THR A 336 13.53 -13.78 -18.79
N LEU A 337 14.76 -13.45 -19.19
CA LEU A 337 15.28 -13.82 -20.52
C LEU A 337 15.40 -15.32 -20.68
N LYS A 338 16.00 -15.98 -19.69
CA LYS A 338 16.05 -17.44 -19.65
C LYS A 338 14.66 -18.07 -19.89
N ALA A 339 13.65 -17.55 -19.19
CA ALA A 339 12.26 -18.01 -19.32
C ALA A 339 11.74 -17.81 -20.73
N ALA A 340 11.95 -16.62 -21.28
CA ALA A 340 11.51 -16.29 -22.63
C ALA A 340 12.13 -17.25 -23.63
N HIS A 341 13.43 -17.45 -23.49
CA HIS A 341 14.18 -18.33 -24.37
C HIS A 341 13.67 -19.77 -24.30
N SER A 342 13.18 -20.20 -23.13
CA SER A 342 12.59 -21.53 -22.99
C SER A 342 11.30 -21.64 -23.78
N MET A 343 10.44 -20.64 -23.65
CA MET A 343 9.19 -20.55 -24.40
C MET A 343 9.42 -20.64 -25.90
N ASP A 344 10.45 -19.94 -26.38
CA ASP A 344 10.81 -19.95 -27.78
C ASP A 344 11.14 -21.36 -28.24
N THR A 345 11.80 -22.13 -27.39
CA THR A 345 12.35 -23.40 -27.83
C THR A 345 11.53 -24.58 -27.34
N LEU A 346 10.62 -24.37 -26.39
CA LEU A 346 9.85 -25.48 -25.81
C LEU A 346 8.34 -25.27 -25.87
N GLY A 347 7.91 -24.04 -26.14
CA GLY A 347 6.51 -23.68 -26.02
C GLY A 347 6.22 -23.39 -24.55
N SER A 348 5.12 -22.70 -24.28
CA SER A 348 4.87 -22.23 -22.92
C SER A 348 4.49 -23.34 -21.94
N ALA A 349 4.05 -24.50 -22.42
CA ALA A 349 3.80 -25.64 -21.54
C ALA A 349 5.14 -26.18 -21.07
N GLY A 350 6.04 -26.42 -22.02
CA GLY A 350 7.34 -26.99 -21.73
C GLY A 350 8.23 -26.08 -20.93
N ALA A 351 7.84 -24.81 -20.80
CA ALA A 351 8.65 -23.83 -20.10
C ALA A 351 8.05 -23.58 -18.73
N LYS A 352 7.07 -24.40 -18.37
CA LYS A 352 6.34 -24.33 -17.10
C LYS A 352 7.23 -23.90 -15.93
N LYS A 353 8.28 -24.68 -15.69
CA LYS A 353 9.17 -24.48 -14.56
C LYS A 353 9.84 -23.10 -14.55
N GLU A 354 10.42 -22.70 -15.66
CA GLU A 354 11.05 -21.40 -15.77
C GLU A 354 10.06 -20.25 -15.60
N ILE A 355 8.82 -20.40 -16.05
CA ILE A 355 7.86 -19.32 -15.89
C ILE A 355 7.49 -19.15 -14.42
N ALA A 356 7.25 -20.27 -13.75
CA ALA A 356 7.04 -20.31 -12.29
C ALA A 356 8.17 -19.60 -11.53
N MET A 357 9.41 -19.88 -11.92
CA MET A 357 10.58 -19.32 -11.22
C MET A 357 10.63 -17.79 -11.27
N ILE A 358 10.33 -17.25 -12.45
CA ILE A 358 10.37 -15.82 -12.64
C ILE A 358 9.13 -15.17 -12.00
N LYS A 359 8.00 -15.87 -12.01
CA LYS A 359 6.77 -15.40 -11.39
C LYS A 359 6.92 -15.19 -9.88
N VAL A 360 7.72 -16.03 -9.23
CA VAL A 360 8.03 -15.87 -7.81
C VAL A 360 9.05 -14.77 -7.61
N ALA A 361 10.16 -14.86 -8.33
CA ALA A 361 11.31 -14.01 -8.09
C ALA A 361 11.01 -12.53 -8.31
N ALA A 362 10.42 -12.22 -9.48
CA ALA A 362 10.32 -10.83 -9.92
C ALA A 362 9.54 -9.89 -9.00
N PRO A 363 8.23 -10.17 -8.74
CA PRO A 363 7.41 -9.20 -8.01
C PRO A 363 7.95 -8.88 -6.62
N ARG A 364 8.43 -9.90 -5.89
CA ARG A 364 8.94 -9.64 -4.54
C ARG A 364 10.26 -8.88 -4.52
N ALA A 365 11.14 -9.15 -5.46
CA ALA A 365 12.40 -8.43 -5.53
C ALA A 365 12.15 -6.95 -5.85
N VAL A 366 11.33 -6.71 -6.86
CA VAL A 366 11.08 -5.36 -7.32
C VAL A 366 10.29 -4.58 -6.28
N SER A 367 9.37 -5.29 -5.62
CA SER A 367 8.63 -4.77 -4.47
C SER A 367 9.56 -4.16 -3.42
N LYS A 368 10.65 -4.89 -3.13
CA LYS A 368 11.66 -4.48 -2.17
C LYS A 368 12.42 -3.23 -2.65
N ILE A 369 12.76 -3.21 -3.94
CA ILE A 369 13.39 -2.03 -4.55
C ILE A 369 12.50 -0.78 -4.46
N VAL A 370 11.23 -0.94 -4.76
CA VAL A 370 10.30 0.17 -4.70
C VAL A 370 10.23 0.68 -3.27
N ASP A 371 10.16 -0.25 -2.31
CA ASP A 371 10.05 0.11 -0.89
C ASP A 371 11.26 0.85 -0.31
N TRP A 372 12.45 0.52 -0.80
CA TRP A 372 13.65 1.26 -0.46
C TRP A 372 13.62 2.61 -1.12
N ALA A 373 13.13 2.67 -2.36
CA ALA A 373 13.02 3.93 -3.08
C ALA A 373 12.06 4.86 -2.33
N ILE A 374 10.99 4.31 -1.79
CA ILE A 374 10.02 5.09 -1.06
C ILE A 374 10.68 5.66 0.20
N GLN A 375 11.54 4.85 0.80
CA GLN A 375 12.19 5.21 2.06
C GLN A 375 13.18 6.34 1.84
N VAL A 376 13.84 6.31 0.69
CA VAL A 376 14.83 7.31 0.33
C VAL A 376 14.13 8.65 0.06
N CYS A 377 12.91 8.57 -0.46
CA CYS A 377 12.11 9.76 -0.76
C CYS A 377 11.41 10.42 0.43
N GLY A 378 11.54 9.81 1.62
CA GLY A 378 10.92 10.32 2.83
C GLY A 378 9.40 10.29 2.69
N GLY A 379 8.72 11.21 3.34
CA GLY A 379 7.26 11.30 3.21
C GLY A 379 6.77 11.39 1.77
N ALA A 380 7.60 11.94 0.90
CA ALA A 380 7.23 12.10 -0.51
C ALA A 380 7.00 10.75 -1.20
N GLY A 381 7.67 9.73 -0.68
CA GLY A 381 7.59 8.40 -1.24
C GLY A 381 6.21 7.79 -1.26
N VAL A 382 5.42 8.07 -0.24
CA VAL A 382 4.04 7.56 -0.18
C VAL A 382 3.03 8.49 -0.87
N SER A 383 3.53 9.65 -1.32
CA SER A 383 2.67 10.72 -1.80
C SER A 383 2.35 10.63 -3.29
N GLN A 384 1.39 11.45 -3.71
CA GLN A 384 1.02 11.60 -5.12
C GLN A 384 2.13 12.24 -5.97
N ASP A 385 3.14 12.83 -5.32
CA ASP A 385 4.21 13.58 -6.01
C ASP A 385 5.23 12.68 -6.72
N TYR A 386 5.16 11.37 -6.46
CA TYR A 386 6.01 10.38 -7.14
C TYR A 386 5.18 9.20 -7.59
N PRO A 387 5.69 8.41 -8.55
CA PRO A 387 4.91 7.22 -8.92
C PRO A 387 5.25 5.98 -8.09
N LEU A 388 6.04 6.13 -7.03
CA LEU A 388 6.49 4.98 -6.24
C LEU A 388 5.39 4.25 -5.49
N ALA A 389 4.43 4.99 -4.93
CA ALA A 389 3.37 4.39 -4.16
C ALA A 389 2.49 3.51 -5.05
N ASN A 390 2.23 3.96 -6.27
CA ASN A 390 1.54 3.16 -7.27
C ASN A 390 2.34 1.95 -7.65
N MET A 391 3.62 2.18 -7.94
CA MET A 391 4.54 1.09 -8.26
C MET A 391 4.55 0.04 -7.15
N TYR A 392 4.55 0.47 -5.89
CA TYR A 392 4.48 -0.53 -4.84
C TYR A 392 3.17 -1.38 -4.89
N ALA A 393 2.03 -0.73 -5.10
CA ALA A 393 0.74 -1.40 -5.21
C ALA A 393 0.72 -2.42 -6.35
N ILE A 394 1.34 -2.07 -7.47
CA ILE A 394 1.40 -2.98 -8.60
C ILE A 394 2.18 -4.24 -8.25
N THR A 395 3.31 -4.07 -7.60
CA THR A 395 4.19 -5.20 -7.33
C THR A 395 3.64 -6.07 -6.23
N ARG A 396 2.98 -5.47 -5.25
CA ARG A 396 2.36 -6.23 -4.18
C ARG A 396 1.31 -7.15 -4.75
N VAL A 397 0.57 -6.65 -5.72
CA VAL A 397 -0.56 -7.37 -6.27
C VAL A 397 -0.10 -8.54 -7.13
N LEU A 398 1.10 -8.43 -7.71
CA LEU A 398 1.60 -9.47 -8.60
C LEU A 398 2.09 -10.70 -7.84
N ARG A 399 2.25 -10.56 -6.53
CA ARG A 399 2.46 -11.70 -5.63
C ARG A 399 1.18 -12.50 -5.40
N LEU A 400 0.07 -11.97 -5.93
CA LEU A 400 -1.22 -12.61 -5.82
C LEU A 400 -1.84 -12.96 -7.16
N ALA A 401 -1.91 -11.97 -8.06
CA ALA A 401 -2.52 -12.18 -9.38
C ALA A 401 -1.73 -13.20 -10.20
N ASP A 402 -2.44 -13.87 -11.11
CA ASP A 402 -1.87 -14.91 -11.96
C ASP A 402 -1.22 -16.03 -11.13
N GLY A 403 -1.60 -16.10 -9.85
CA GLY A 403 -1.23 -17.18 -8.96
C GLY A 403 -0.29 -16.68 -7.90
N PRO A 404 -0.61 -16.95 -6.62
CA PRO A 404 0.17 -16.45 -5.50
C PRO A 404 1.54 -17.14 -5.38
N ASP A 405 2.51 -16.48 -4.77
CA ASP A 405 3.86 -17.00 -4.68
C ASP A 405 3.88 -18.42 -4.20
N GLU A 406 3.30 -18.62 -3.03
CA GLU A 406 3.24 -19.91 -2.39
C GLU A 406 2.82 -21.06 -3.32
N VAL A 407 1.89 -20.79 -4.23
CA VAL A 407 1.40 -21.83 -5.12
C VAL A 407 2.45 -22.19 -6.16
N HIS A 408 3.16 -21.17 -6.63
CA HIS A 408 4.20 -21.37 -7.62
C HIS A 408 5.39 -22.09 -6.99
N LEU A 409 5.68 -21.77 -5.73
CA LEU A 409 6.78 -22.38 -5.02
C LEU A 409 6.56 -23.87 -4.86
N SER A 410 5.33 -24.25 -4.56
CA SER A 410 4.99 -25.65 -4.44
C SER A 410 5.13 -26.40 -5.75
N ALA A 411 4.72 -25.76 -6.85
CA ALA A 411 4.90 -26.33 -8.18
C ALA A 411 6.38 -26.56 -8.53
N ILE A 412 7.21 -25.55 -8.28
CA ILE A 412 8.65 -25.68 -8.44
C ILE A 412 9.23 -26.82 -7.59
N ALA A 413 8.86 -26.90 -6.31
CA ALA A 413 9.34 -28.00 -5.47
C ALA A 413 8.97 -29.36 -6.09
N THR A 414 7.76 -29.52 -6.60
CA THR A 414 7.31 -30.77 -7.22
C THR A 414 8.15 -31.11 -8.43
N MET A 415 8.32 -30.11 -9.31
CA MET A 415 9.08 -30.23 -10.53
C MET A 415 10.57 -30.53 -10.25
N GLU A 416 11.15 -29.83 -9.29
CA GLU A 416 12.54 -30.08 -8.91
C GLU A 416 12.71 -31.52 -8.47
N LEU A 417 11.83 -32.01 -7.61
CA LEU A 417 11.93 -33.39 -7.09
C LEU A 417 11.73 -34.46 -8.16
N ARG A 418 11.03 -34.11 -9.24
CA ARG A 418 10.93 -34.98 -10.40
C ARG A 418 12.23 -35.02 -11.22
N ASP A 419 12.79 -33.83 -11.47
CA ASP A 419 14.04 -33.72 -12.23
C ASP A 419 15.17 -34.34 -11.44
N GLN A 420 15.12 -34.14 -10.14
CA GLN A 420 16.13 -34.69 -9.25
C GLN A 420 16.07 -36.23 -9.30
N ALA A 421 14.86 -36.77 -9.40
CA ALA A 421 14.64 -38.23 -9.52
C ALA A 421 15.14 -38.74 -10.87
N LYS A 422 14.81 -38.01 -11.94
CA LYS A 422 15.27 -38.36 -13.28
C LYS A 422 16.78 -38.60 -13.35
N ARG A 423 17.58 -37.59 -12.96
CA ARG A 423 19.06 -37.64 -12.99
C ARG A 423 19.66 -38.82 -12.23
N LEU A 424 18.90 -39.41 -11.29
CA LEU A 424 19.35 -40.66 -10.63
C LEU A 424 18.99 -41.97 -11.36
N THR A 425 18.07 -41.97 -12.33
CA THR A 425 17.71 -43.22 -13.03
C THR A 425 18.85 -43.73 -13.93
N VAL B 22 5.43 -4.88 36.26
CA VAL B 22 4.35 -4.78 37.30
C VAL B 22 3.49 -3.51 37.17
N GLN B 23 2.22 -3.76 36.87
CA GLN B 23 1.18 -2.76 36.80
C GLN B 23 0.79 -2.23 38.20
N THR B 24 0.24 -1.01 38.25
CA THR B 24 -0.40 -0.48 39.47
C THR B 24 -1.88 -0.91 39.58
N ARG B 25 -2.44 -0.81 40.80
CA ARG B 25 -3.85 -1.18 41.02
C ARG B 25 -4.81 -0.31 40.19
N LYS B 26 -4.57 1.00 40.16
CA LYS B 26 -5.40 1.89 39.35
C LYS B 26 -5.32 1.51 37.87
N GLY B 27 -4.09 1.35 37.39
CA GLY B 27 -3.79 0.79 36.08
C GLY B 27 -4.55 -0.47 35.73
N GLN B 28 -4.63 -1.42 36.66
CA GLN B 28 -5.43 -2.63 36.43
C GLN B 28 -6.92 -2.30 36.28
N GLU B 29 -7.45 -1.45 37.15
CA GLU B 29 -8.87 -1.16 37.15
C GLU B 29 -9.29 -0.44 35.87
N VAL B 30 -8.51 0.57 35.49
CA VAL B 30 -8.80 1.36 34.29
C VAL B 30 -8.67 0.51 33.03
N LEU B 31 -7.70 -0.40 33.00
CA LEU B 31 -7.61 -1.34 31.89
C LEU B 31 -8.89 -2.16 31.76
N ILE B 32 -9.38 -2.67 32.89
CA ILE B 32 -10.61 -3.49 32.89
C ILE B 32 -11.76 -2.69 32.34
N LYS B 33 -11.85 -1.43 32.77
CA LYS B 33 -12.89 -0.53 32.31
C LYS B 33 -12.82 -0.29 30.80
N VAL B 34 -11.61 -0.06 30.30
CA VAL B 34 -11.38 0.21 28.88
C VAL B 34 -11.81 -1.00 28.05
N LYS B 35 -11.41 -2.19 28.48
CA LYS B 35 -11.84 -3.44 27.83
C LYS B 35 -13.34 -3.58 27.79
N HIS B 36 -14.00 -3.31 28.92
N HIS B 36 -14.00 -3.34 28.93
CA HIS B 36 -15.46 -3.39 29.04
CA HIS B 36 -15.47 -3.37 28.98
C HIS B 36 -16.21 -2.30 28.23
C HIS B 36 -16.05 -2.42 27.95
N PHE B 37 -15.55 -1.18 27.92
CA PHE B 37 -16.07 -0.12 27.03
C PHE B 37 -15.86 -0.50 25.56
N MET B 38 -14.68 -1.03 25.27
CA MET B 38 -14.32 -1.43 23.92
C MET B 38 -15.31 -2.51 23.41
N LYS B 39 -15.53 -3.54 24.23
CA LYS B 39 -16.36 -4.68 23.82
C LYS B 39 -17.81 -4.29 23.72
N GLN B 40 -18.23 -3.33 24.56
CA GLN B 40 -19.64 -3.02 24.74
C GLN B 40 -20.15 -1.80 23.96
N HIS B 41 -19.25 -0.86 23.66
CA HIS B 41 -19.63 0.36 22.94
C HIS B 41 -18.86 0.64 21.64
N ILE B 42 -17.52 0.67 21.73
CA ILE B 42 -16.68 1.02 20.57
C ILE B 42 -16.77 -0.01 19.45
N LEU B 43 -16.45 -1.26 19.75
CA LEU B 43 -16.41 -2.28 18.71
C LEU B 43 -17.77 -2.48 18.03
N PRO B 44 -18.87 -2.53 18.79
CA PRO B 44 -20.17 -2.59 18.11
C PRO B 44 -20.50 -1.38 17.22
N ALA B 45 -19.75 -0.28 17.34
CA ALA B 45 -19.96 0.89 16.48
C ALA B 45 -19.04 0.89 15.24
N GLU B 46 -18.03 0.01 15.22
CA GLU B 46 -17.08 -0.11 14.12
C GLU B 46 -17.74 -0.27 12.75
N LYS B 47 -18.71 -1.18 12.65
CA LYS B 47 -19.36 -1.45 11.37
C LYS B 47 -19.81 -0.13 10.74
N GLU B 48 -20.60 0.65 11.49
CA GLU B 48 -21.14 1.92 11.03
C GLU B 48 -20.07 2.99 10.76
N VAL B 49 -19.12 3.13 11.68
CA VAL B 49 -18.13 4.18 11.57
C VAL B 49 -17.30 3.95 10.32
N THR B 50 -17.03 2.68 10.04
CA THR B 50 -16.33 2.24 8.82
C THR B 50 -17.15 2.58 7.57
N GLU B 51 -18.42 2.22 7.53
N GLU B 51 -18.42 2.20 7.54
CA GLU B 51 -19.28 2.62 6.41
CA GLU B 51 -19.35 2.62 6.48
C GLU B 51 -19.16 4.12 6.15
C GLU B 51 -19.13 4.09 6.17
N PHE B 52 -19.02 4.91 7.22
CA PHE B 52 -18.75 6.36 7.12
C PHE B 52 -17.35 6.63 6.59
N TYR B 53 -16.34 5.98 7.15
CA TYR B 53 -14.97 6.14 6.64
C TYR B 53 -14.92 5.81 5.14
N VAL B 54 -15.51 4.69 4.76
CA VAL B 54 -15.46 4.23 3.37
C VAL B 54 -16.06 5.24 2.42
N GLN B 55 -17.27 5.70 2.69
CA GLN B 55 -17.88 6.61 1.75
C GLN B 55 -17.16 7.93 1.65
N ASN B 56 -16.46 8.35 2.70
CA ASN B 56 -15.81 9.67 2.73
C ASN B 56 -14.29 9.72 2.39
N GLU B 57 -13.72 8.55 2.11
CA GLU B 57 -12.31 8.46 1.74
C GLU B 57 -12.07 9.09 0.38
N ASN B 58 -11.10 9.99 0.30
CA ASN B 58 -10.82 10.75 -0.94
C ASN B 58 -11.80 11.88 -1.23
N SER B 59 -12.76 12.11 -0.33
CA SER B 59 -13.61 13.28 -0.39
C SER B 59 -12.77 14.55 -0.41
N VAL B 60 -13.19 15.49 -1.26
CA VAL B 60 -12.55 16.81 -1.39
C VAL B 60 -12.79 17.63 -0.12
N ASP B 61 -13.93 17.38 0.54
CA ASP B 61 -14.41 18.31 1.54
C ASP B 61 -14.89 17.73 2.89
N LYS B 62 -14.70 16.43 3.14
CA LYS B 62 -15.17 15.87 4.40
C LYS B 62 -14.03 15.41 5.30
N TRP B 63 -13.70 16.22 6.31
CA TRP B 63 -12.51 15.97 7.13
C TRP B 63 -12.77 15.72 8.64
N GLY B 64 -14.03 15.48 9.00
CA GLY B 64 -14.44 15.34 10.41
C GLY B 64 -15.11 14.01 10.70
N LYS B 65 -15.84 13.92 11.81
CA LYS B 65 -16.30 12.63 12.30
C LYS B 65 -17.80 12.61 12.51
N PRO B 66 -18.43 11.44 12.29
CA PRO B 66 -19.85 11.24 12.49
C PRO B 66 -20.27 11.33 13.97
N LEU B 67 -21.56 11.61 14.19
CA LEU B 67 -22.05 11.94 15.53
C LEU B 67 -21.86 10.85 16.58
N VAL B 68 -21.88 9.59 16.16
CA VAL B 68 -21.60 8.49 17.08
C VAL B 68 -20.26 8.71 17.80
N ILE B 69 -19.25 9.24 17.10
CA ILE B 69 -17.94 9.51 17.73
C ILE B 69 -18.13 10.47 18.88
N ASP B 70 -19.00 11.44 18.70
CA ASP B 70 -19.28 12.38 19.76
C ASP B 70 -20.02 11.79 20.95
N LYS B 71 -21.08 11.03 20.66
CA LYS B 71 -21.80 10.35 21.72
C LYS B 71 -20.85 9.45 22.51
N LEU B 72 -20.00 8.74 21.79
CA LEU B 72 -19.02 7.87 22.38
C LEU B 72 -18.06 8.64 23.27
N LYS B 73 -17.55 9.76 22.77
CA LYS B 73 -16.68 10.62 23.57
C LYS B 73 -17.35 11.06 24.87
N GLU B 74 -18.61 11.50 24.79
CA GLU B 74 -19.31 11.94 26.00
C GLU B 74 -19.42 10.80 26.99
N MET B 75 -19.79 9.61 26.52
CA MET B 75 -19.92 8.46 27.42
C MET B 75 -18.63 8.20 28.17
N ALA B 76 -17.51 8.23 27.46
CA ALA B 76 -16.19 8.06 28.04
C ALA B 76 -15.90 9.11 29.12
N LYS B 77 -16.23 10.37 28.85
CA LYS B 77 -16.02 11.43 29.85
C LYS B 77 -16.71 11.07 31.16
N VAL B 78 -17.97 10.63 31.06
CA VAL B 78 -18.79 10.33 32.24
C VAL B 78 -18.17 9.22 33.08
N GLU B 79 -17.66 8.19 32.43
CA GLU B 79 -16.99 7.11 33.17
C GLU B 79 -15.52 7.43 33.54
N GLY B 80 -15.06 8.64 33.24
CA GLY B 80 -13.68 9.06 33.53
C GLY B 80 -12.61 8.53 32.58
N LEU B 81 -13.02 7.83 31.52
CA LEU B 81 -12.05 7.29 30.58
C LEU B 81 -11.65 8.33 29.55
N TRP B 82 -10.69 9.19 29.92
CA TRP B 82 -10.44 10.43 29.19
C TRP B 82 -9.06 10.98 29.53
N ASN B 83 -8.28 11.30 28.51
CA ASN B 83 -6.91 11.80 28.71
C ASN B 83 -6.00 10.82 29.45
N LEU B 84 -6.31 9.53 29.32
CA LEU B 84 -5.57 8.47 29.99
C LEU B 84 -4.05 8.51 29.75
N PHE B 85 -3.63 9.13 28.64
CA PHE B 85 -2.22 9.19 28.20
C PHE B 85 -1.35 10.13 29.03
N LEU B 86 -2.00 10.96 29.85
CA LEU B 86 -1.29 12.01 30.59
C LEU B 86 -1.27 11.72 32.10
N PRO B 87 -0.11 11.23 32.61
CA PRO B 87 0.03 10.84 34.02
C PRO B 87 -0.52 11.90 34.99
N ALA B 88 -0.08 13.15 34.81
CA ALA B 88 -0.47 14.25 35.70
C ALA B 88 -1.98 14.49 35.76
N VAL B 89 -2.74 13.84 34.88
CA VAL B 89 -4.20 13.92 34.89
C VAL B 89 -4.84 12.59 35.22
N SER B 90 -4.34 11.54 34.58
CA SER B 90 -4.90 10.19 34.68
C SER B 90 -4.50 9.51 35.97
N GLY B 91 -3.36 9.95 36.53
CA GLY B 91 -2.71 9.28 37.65
C GLY B 91 -2.18 7.91 37.27
N LEU B 92 -1.90 7.70 35.99
CA LEU B 92 -1.42 6.40 35.49
C LEU B 92 0.06 6.45 35.15
N SER B 93 0.76 5.35 35.39
CA SER B 93 2.14 5.26 34.92
C SER B 93 2.17 4.92 33.43
N HIS B 94 3.35 5.10 32.81
CA HIS B 94 3.54 4.77 31.40
C HIS B 94 3.38 3.29 31.13
N VAL B 95 3.90 2.47 32.04
CA VAL B 95 3.57 1.05 32.02
C VAL B 95 2.04 0.88 32.01
N ASP B 96 1.33 1.49 32.97
CA ASP B 96 -0.13 1.38 33.01
C ASP B 96 -0.77 1.73 31.68
N TYR B 97 -0.30 2.78 31.04
CA TYR B 97 -0.94 3.25 29.80
C TYR B 97 -0.66 2.35 28.59
N ALA B 98 0.53 1.76 28.57
CA ALA B 98 1.00 0.93 27.47
C ALA B 98 0.01 -0.17 27.19
N LEU B 99 -0.45 -0.84 28.24
CA LEU B 99 -1.43 -1.90 28.11
C LEU B 99 -2.75 -1.30 27.61
N ILE B 100 -3.14 -0.17 28.15
CA ILE B 100 -4.35 0.51 27.68
C ILE B 100 -4.25 0.92 26.22
N ALA B 101 -3.15 1.57 25.84
CA ALA B 101 -2.97 2.01 24.48
C ALA B 101 -2.96 0.83 23.48
N GLU B 102 -2.35 -0.29 23.88
CA GLU B 102 -2.43 -1.52 23.11
C GLU B 102 -3.88 -1.87 22.76
N GLU B 103 -4.79 -1.69 23.72
CA GLU B 103 -6.18 -2.02 23.50
C GLU B 103 -6.81 -1.04 22.49
N THR B 104 -6.44 0.23 22.57
CA THR B 104 -6.99 1.25 21.68
C THR B 104 -6.57 0.97 20.26
N GLY B 105 -5.39 0.38 20.12
CA GLY B 105 -4.79 0.09 18.81
C GLY B 105 -5.58 -0.88 17.95
N LYS B 106 -6.52 -1.61 18.56
CA LYS B 106 -7.30 -2.62 17.87
C LYS B 106 -8.48 -2.02 17.09
N CYS B 107 -8.63 -0.70 17.15
CA CYS B 107 -9.71 0.00 16.47
C CYS B 107 -9.29 1.41 16.04
N PHE B 108 -9.53 1.75 14.77
CA PHE B 108 -8.97 3.00 14.21
C PHE B 108 -9.51 4.27 14.82
N PHE B 109 -10.70 4.21 15.42
CA PHE B 109 -11.25 5.36 16.11
C PHE B 109 -11.20 5.28 17.63
N ALA B 110 -10.61 4.22 18.17
CA ALA B 110 -10.59 4.06 19.64
C ALA B 110 -9.80 5.15 20.38
N PRO B 111 -8.58 5.46 19.92
CA PRO B 111 -7.83 6.51 20.63
C PRO B 111 -8.56 7.87 20.75
N ASP B 112 -9.34 8.24 19.73
CA ASP B 112 -10.12 9.49 19.74
C ASP B 112 -11.18 9.52 20.82
N VAL B 113 -11.85 8.40 21.02
CA VAL B 113 -12.94 8.28 21.98
C VAL B 113 -12.44 8.55 23.39
N PHE B 114 -11.18 8.21 23.66
CA PHE B 114 -10.61 8.47 24.98
C PHE B 114 -9.71 9.69 24.94
N ASN B 115 -9.80 10.45 23.85
CA ASN B 115 -8.99 11.65 23.67
C ASN B 115 -7.52 11.34 23.77
N CYS B 116 -7.08 10.32 23.03
CA CYS B 116 -5.73 9.81 23.13
C CYS B 116 -5.03 9.77 21.76
N GLN B 117 -5.60 10.48 20.80
CA GLN B 117 -5.09 10.44 19.45
C GLN B 117 -3.92 11.40 19.23
N ALA B 118 -3.06 11.04 18.28
CA ALA B 118 -2.04 11.95 17.73
C ALA B 118 -2.69 12.75 16.60
N PRO B 119 -2.18 13.98 16.32
CA PRO B 119 -1.03 14.67 16.91
C PRO B 119 -1.38 15.45 18.19
N ASP B 120 -2.58 15.25 18.72
CA ASP B 120 -3.06 16.06 19.84
C ASP B 120 -2.40 15.72 21.16
N THR B 121 -2.14 14.44 21.40
CA THR B 121 -1.47 14.06 22.64
C THR B 121 -0.10 14.74 22.78
N GLY B 122 0.69 14.72 21.69
CA GLY B 122 2.03 15.34 21.70
C GLY B 122 1.93 16.84 21.94
N ASN B 123 1.01 17.48 21.22
CA ASN B 123 0.79 18.91 21.38
C ASN B 123 0.36 19.29 22.80
N MET B 124 -0.51 18.48 23.40
CA MET B 124 -0.89 18.70 24.77
C MET B 124 0.33 18.62 25.70
N GLU B 125 1.11 17.55 25.60
CA GLU B 125 2.32 17.41 26.42
C GLU B 125 3.27 18.62 26.28
N VAL B 126 3.43 19.14 25.06
CA VAL B 126 4.33 20.28 24.84
C VAL B 126 3.90 21.49 25.65
N LEU B 127 2.59 21.75 25.66
CA LEU B 127 2.02 22.83 26.48
C LEU B 127 2.09 22.51 27.96
N HIS B 128 1.79 21.28 28.34
CA HIS B 128 1.83 20.86 29.73
C HIS B 128 3.21 21.09 30.40
N LEU B 129 4.29 20.78 29.67
CA LEU B 129 5.65 20.83 30.21
C LEU B 129 6.30 22.18 30.03
N TYR B 130 5.96 22.87 28.95
CA TYR B 130 6.66 24.12 28.64
C TYR B 130 5.78 25.39 28.56
N GLY B 131 4.47 25.21 28.44
CA GLY B 131 3.56 26.34 28.26
C GLY B 131 3.53 27.26 29.46
N SER B 132 3.46 28.56 29.18
CA SER B 132 3.21 29.56 30.23
C SER B 132 1.76 29.45 30.70
N GLU B 133 1.45 30.09 31.83
CA GLU B 133 0.11 30.00 32.41
C GLU B 133 -0.97 30.49 31.46
N GLU B 134 -0.71 31.61 30.79
CA GLU B 134 -1.61 32.15 29.77
C GLU B 134 -1.79 31.17 28.58
N GLN B 135 -0.68 30.61 28.10
CA GLN B 135 -0.71 29.65 27.02
C GLN B 135 -1.58 28.46 27.40
N LYS B 136 -1.41 27.94 28.62
CA LYS B 136 -2.22 26.81 29.07
C LYS B 136 -3.70 27.13 29.12
N LYS B 137 -4.07 28.23 29.77
CA LYS B 137 -5.47 28.65 29.91
C LYS B 137 -6.16 28.79 28.55
N GLN B 138 -5.38 29.19 27.55
CA GLN B 138 -5.92 29.47 26.23
C GLN B 138 -6.02 28.24 25.30
N TRP B 139 -5.07 27.32 25.42
CA TRP B 139 -4.98 26.21 24.47
C TRP B 139 -5.01 24.84 25.16
N LEU B 140 -4.19 24.64 26.18
CA LEU B 140 -4.16 23.34 26.83
C LEU B 140 -5.56 22.94 27.32
N GLU B 141 -6.28 23.90 27.90
CA GLU B 141 -7.60 23.61 28.48
C GLU B 141 -8.60 23.15 27.41
N PRO B 142 -8.79 23.94 26.34
CA PRO B 142 -9.75 23.49 25.32
C PRO B 142 -9.41 22.12 24.72
N LEU B 143 -8.10 21.87 24.51
CA LEU B 143 -7.64 20.57 23.97
C LEU B 143 -7.98 19.45 24.94
N LEU B 144 -7.74 19.66 26.22
CA LEU B 144 -8.06 18.64 27.22
C LEU B 144 -9.55 18.28 27.24
N GLN B 145 -10.41 19.21 26.77
CA GLN B 145 -11.87 18.96 26.74
C GLN B 145 -12.31 18.35 25.43
N GLY B 146 -11.41 18.36 24.43
CA GLY B 146 -11.73 17.92 23.07
C GLY B 146 -12.59 18.93 22.32
N ASN B 147 -12.49 20.22 22.68
CA ASN B 147 -13.29 21.24 22.00
C ASN B 147 -12.64 21.62 20.69
N ILE B 148 -11.31 21.73 20.71
CA ILE B 148 -10.55 22.06 19.50
C ILE B 148 -9.57 20.92 19.21
N THR B 149 -8.97 20.95 18.02
CA THR B 149 -7.80 20.12 17.74
C THR B 149 -6.60 20.96 17.28
N SER B 150 -5.48 20.29 17.14
CA SER B 150 -4.21 20.95 16.82
C SER B 150 -3.42 20.15 15.78
N CYS B 151 -2.38 20.77 15.25
CA CYS B 151 -1.47 20.08 14.38
C CYS B 151 -0.03 20.50 14.68
N PHE B 152 0.91 19.61 14.42
CA PHE B 152 2.30 19.88 14.69
C PHE B 152 2.92 20.14 13.35
N CYS B 153 3.70 21.22 13.24
CA CYS B 153 4.31 21.62 11.96
C CYS B 153 5.82 21.72 12.01
N MET B 154 6.49 20.68 11.54
CA MET B 154 7.94 20.60 11.58
C MET B 154 8.53 20.33 10.19
N THR B 155 8.03 19.30 9.50
CA THR B 155 8.53 18.85 8.19
C THR B 155 8.31 19.85 7.05
N GLU B 156 9.36 20.06 6.25
CA GLU B 156 9.35 21.00 5.13
C GLU B 156 9.69 20.30 3.82
N PRO B 157 8.91 20.57 2.76
CA PRO B 157 9.16 19.84 1.53
C PRO B 157 10.56 20.07 0.91
N ASP B 158 11.11 21.27 1.03
CA ASP B 158 12.27 21.64 0.22
C ASP B 158 13.63 21.27 0.82
N VAL B 159 13.60 20.70 2.03
CA VAL B 159 14.82 20.23 2.72
C VAL B 159 14.56 18.89 3.39
N ALA B 160 15.63 18.10 3.53
CA ALA B 160 15.58 16.80 4.19
C ALA B 160 15.36 17.03 5.68
N SER B 161 14.11 16.86 6.10
CA SER B 161 13.68 17.28 7.44
C SER B 161 14.01 16.29 8.56
N SER B 162 14.57 15.15 8.18
CA SER B 162 14.99 14.14 9.15
C SER B 162 16.21 14.67 9.94
N ASP B 163 16.97 15.58 9.35
CA ASP B 163 18.00 16.29 10.08
C ASP B 163 17.39 17.66 10.42
N ALA B 164 16.91 17.80 11.65
CA ALA B 164 16.10 18.97 12.01
C ALA B 164 16.82 20.32 11.78
N THR B 165 18.15 20.32 11.81
CA THR B 165 18.94 21.53 11.64
C THR B 165 18.81 22.11 10.23
N ASN B 166 18.21 21.35 9.32
CA ASN B 166 17.98 21.80 7.95
C ASN B 166 16.77 22.73 7.81
N ILE B 167 15.93 22.77 8.84
CA ILE B 167 14.69 23.54 8.75
C ILE B 167 14.96 25.04 8.51
N GLU B 168 14.41 25.56 7.42
CA GLU B 168 14.65 26.97 7.06
C GLU B 168 13.45 27.90 7.28
N CYS B 169 12.32 27.35 7.72
CA CYS B 169 11.14 28.19 7.94
C CYS B 169 11.48 29.31 8.91
N SER B 170 11.52 30.51 8.35
CA SER B 170 12.01 31.72 9.00
C SER B 170 11.07 32.27 10.07
N ILE B 171 11.64 32.60 11.22
CA ILE B 171 10.94 33.32 12.29
C ILE B 171 11.74 34.56 12.72
N GLN B 172 11.18 35.74 12.50
CA GLN B 172 11.88 36.98 12.83
C GLN B 172 11.11 37.78 13.86
N ARG B 173 11.84 38.60 14.62
CA ARG B 173 11.28 39.33 15.77
C ARG B 173 11.31 40.86 15.61
N ASP B 174 10.13 41.51 15.55
CA ASP B 174 10.05 42.95 15.86
C ASP B 174 9.29 43.24 17.15
N GLU B 175 10.00 43.79 18.13
N GLU B 175 10.01 43.75 18.15
CA GLU B 175 9.48 44.13 19.47
CA GLU B 175 9.43 44.26 19.39
C GLU B 175 8.31 43.28 19.95
C GLU B 175 8.32 43.36 19.96
N ASP B 176 7.08 43.73 19.68
CA ASP B 176 5.89 43.08 20.24
C ASP B 176 5.46 41.77 19.57
N SER B 177 6.11 41.39 18.48
CA SER B 177 5.61 40.23 17.70
C SER B 177 6.66 39.43 16.90
N TYR B 178 6.23 38.28 16.40
CA TYR B 178 7.03 37.46 15.48
C TYR B 178 6.41 37.36 14.09
N VAL B 179 7.25 37.45 13.06
CA VAL B 179 6.83 37.24 11.67
C VAL B 179 7.36 35.91 11.17
N ILE B 180 6.46 35.11 10.59
CA ILE B 180 6.73 33.74 10.14
C ILE B 180 6.57 33.58 8.63
N ASN B 181 7.60 33.04 7.98
CA ASN B 181 7.60 32.76 6.54
C ASN B 181 8.20 31.38 6.26
N GLY B 182 7.46 30.56 5.53
CA GLY B 182 7.96 29.23 5.22
C GLY B 182 6.93 28.29 4.65
N LYS B 183 7.40 27.11 4.25
CA LYS B 183 6.53 26.04 3.81
C LYS B 183 6.58 24.89 4.80
N LYS B 184 5.43 24.32 5.08
CA LYS B 184 5.38 23.09 5.87
C LYS B 184 4.49 22.06 5.18
N TRP B 185 4.82 20.79 5.36
CA TRP B 185 3.95 19.72 4.88
C TRP B 185 3.90 18.49 5.76
N TRP B 186 2.92 17.62 5.45
CA TRP B 186 2.57 16.47 6.28
C TRP B 186 1.99 16.86 7.63
N SER B 187 1.27 17.98 7.66
CA SER B 187 0.74 18.42 8.93
C SER B 187 -0.56 17.67 9.17
N SER B 188 -0.52 16.73 10.11
CA SER B 188 -1.63 15.81 10.28
C SER B 188 -2.79 16.44 11.02
N GLY B 189 -3.99 16.36 10.44
CA GLY B 189 -5.23 16.82 11.07
C GLY B 189 -5.72 18.20 10.66
N ALA B 190 -4.88 18.96 9.94
CA ALA B 190 -5.20 20.33 9.55
C ALA B 190 -6.55 20.50 8.84
N GLY B 191 -7.04 19.42 8.24
CA GLY B 191 -8.26 19.48 7.44
C GLY B 191 -9.51 19.51 8.28
N ASN B 192 -9.43 19.01 9.50
CA ASN B 192 -10.58 19.02 10.39
C ASN B 192 -10.84 20.45 10.84
N PRO B 193 -12.07 20.92 10.64
CA PRO B 193 -12.52 22.28 11.00
C PRO B 193 -12.23 22.67 12.45
N LYS B 194 -12.17 21.70 13.37
CA LYS B 194 -11.88 21.93 14.77
C LYS B 194 -10.43 22.29 15.02
N CYS B 195 -9.57 22.08 14.02
CA CYS B 195 -8.14 22.31 14.19
C CYS B 195 -7.86 23.81 14.19
N LYS B 196 -7.86 24.40 15.38
CA LYS B 196 -7.71 25.84 15.50
C LYS B 196 -6.29 26.30 15.81
N ILE B 197 -5.40 25.37 16.16
CA ILE B 197 -4.07 25.76 16.63
C ILE B 197 -2.93 24.91 16.12
N ALA B 198 -1.82 25.55 15.77
CA ALA B 198 -0.66 24.90 15.20
C ALA B 198 0.56 25.19 16.05
N ILE B 199 1.35 24.15 16.29
CA ILE B 199 2.63 24.29 16.96
C ILE B 199 3.68 24.18 15.90
N VAL B 200 4.52 25.21 15.79
CA VAL B 200 5.39 25.33 14.63
C VAL B 200 6.86 25.39 15.05
N LEU B 201 7.71 24.70 14.29
CA LEU B 201 9.16 24.74 14.50
C LEU B 201 9.81 25.52 13.37
N GLY B 202 10.54 26.57 13.73
CA GLY B 202 11.22 27.39 12.72
C GLY B 202 12.59 27.84 13.17
N ARG B 203 13.28 28.55 12.28
CA ARG B 203 14.61 29.10 12.56
C ARG B 203 14.52 30.49 13.17
N THR B 204 15.14 30.66 14.35
CA THR B 204 15.42 31.99 14.92
C THR B 204 16.92 32.25 14.83
N GLN B 205 17.36 32.79 13.70
CA GLN B 205 18.79 33.13 13.48
C GLN B 205 19.39 33.92 14.65
N ASN B 206 20.55 33.48 15.16
CA ASN B 206 21.14 34.04 16.40
C ASN B 206 22.60 33.63 16.63
N THR B 207 23.26 34.26 17.61
CA THR B 207 24.71 34.04 17.81
C THR B 207 25.20 34.22 19.27
N SER B 208 25.85 33.19 19.83
CA SER B 208 26.03 31.88 19.15
C SER B 208 25.23 30.75 19.83
N GLN B 214 19.47 27.29 17.15
CA GLN B 214 19.06 28.21 16.09
C GLN B 214 17.55 28.16 15.85
N HIS B 215 16.83 27.35 16.65
CA HIS B 215 15.43 26.99 16.34
C HIS B 215 14.45 27.19 17.50
N SER B 216 13.22 27.57 17.17
CA SER B 216 12.19 27.86 18.18
C SER B 216 10.83 27.24 17.85
N MET B 217 10.00 27.09 18.88
CA MET B 217 8.67 26.54 18.74
C MET B 217 7.69 27.65 19.07
N ILE B 218 6.64 27.78 18.29
CA ILE B 218 5.75 28.93 18.43
C ILE B 218 4.31 28.55 18.16
N LEU B 219 3.40 29.08 18.96
CA LEU B 219 1.97 28.83 18.76
C LEU B 219 1.45 29.72 17.65
N VAL B 220 0.75 29.11 16.69
CA VAL B 220 0.16 29.84 15.58
C VAL B 220 -1.30 29.42 15.38
N PRO B 221 -2.26 30.34 15.66
CA PRO B 221 -3.66 29.99 15.43
C PRO B 221 -3.91 29.81 13.95
N MET B 222 -4.76 28.86 13.60
CA MET B 222 -5.00 28.51 12.20
C MET B 222 -5.70 29.59 11.40
N ASN B 223 -6.45 30.45 12.07
CA ASN B 223 -7.17 31.57 11.42
C ASN B 223 -6.37 32.87 11.32
N THR B 224 -5.08 32.80 11.59
CA THR B 224 -4.23 33.99 11.49
C THR B 224 -4.06 34.34 10.00
N PRO B 225 -4.26 35.62 9.63
CA PRO B 225 -3.97 36.11 8.27
C PRO B 225 -2.58 35.68 7.77
N GLY B 226 -2.52 35.09 6.58
CA GLY B 226 -1.27 34.61 5.99
C GLY B 226 -1.08 33.10 6.06
N VAL B 227 -1.85 32.44 6.92
CA VAL B 227 -1.85 30.99 6.98
C VAL B 227 -2.76 30.48 5.84
N LYS B 228 -2.17 29.71 4.93
CA LYS B 228 -2.90 29.10 3.82
C LYS B 228 -2.68 27.59 3.72
N ILE B 229 -3.78 26.85 3.84
CA ILE B 229 -3.75 25.40 3.65
C ILE B 229 -3.80 25.13 2.16
N ILE B 230 -2.74 24.51 1.63
CA ILE B 230 -2.59 24.38 0.18
C ILE B 230 -3.29 23.14 -0.39
N ARG B 231 -2.94 21.96 0.10
CA ARG B 231 -3.45 20.71 -0.47
C ARG B 231 -3.27 19.53 0.47
N PRO B 232 -4.13 18.52 0.34
CA PRO B 232 -3.97 17.27 1.07
C PRO B 232 -2.96 16.33 0.41
N LEU B 233 -2.37 15.46 1.20
CA LEU B 233 -1.37 14.51 0.73
C LEU B 233 -1.87 13.08 0.96
N SER B 234 -1.68 12.21 -0.03
CA SER B 234 -2.14 10.83 0.09
C SER B 234 -1.04 9.88 0.51
N VAL B 235 -1.45 8.79 1.14
CA VAL B 235 -0.59 7.66 1.50
C VAL B 235 -1.13 6.43 0.74
N PHE B 236 -0.37 5.96 -0.24
CA PHE B 236 -0.86 4.96 -1.20
C PHE B 236 -2.28 5.27 -1.63
N GLY B 237 -2.56 6.52 -1.95
CA GLY B 237 -3.92 6.89 -2.35
C GLY B 237 -5.04 6.86 -1.31
N TYR B 238 -4.68 6.83 -0.02
CA TYR B 238 -5.61 7.07 1.08
C TYR B 238 -5.39 8.52 1.46
N THR B 239 -6.46 9.26 1.76
CA THR B 239 -6.29 10.64 2.20
C THR B 239 -6.44 10.81 3.72
N ASP B 240 -6.96 9.76 4.37
CA ASP B 240 -7.07 9.68 5.83
C ASP B 240 -8.09 10.69 6.35
N ASN B 241 -9.18 10.85 5.61
CA ASN B 241 -10.22 11.82 5.94
C ASN B 241 -10.72 11.77 7.37
N PHE B 242 -10.74 10.57 7.95
CA PHE B 242 -11.35 10.39 9.25
C PHE B 242 -10.62 11.15 10.35
N HIS B 243 -9.28 11.06 10.32
CA HIS B 243 -8.43 11.79 11.27
C HIS B 243 -7.99 13.09 10.60
N GLY B 244 -8.78 13.52 9.63
CA GLY B 244 -8.26 14.12 8.41
C GLY B 244 -7.48 15.40 8.49
N GLY B 245 -6.36 15.47 7.76
CA GLY B 245 -5.82 14.40 6.95
C GLY B 245 -4.32 14.66 7.06
N HIS B 246 -3.66 15.00 5.96
CA HIS B 246 -2.25 15.44 6.04
C HIS B 246 -1.97 16.52 5.00
N PHE B 247 -1.66 17.73 5.45
CA PHE B 247 -1.67 18.89 4.55
C PHE B 247 -0.36 19.61 4.39
N GLU B 248 -0.18 20.17 3.21
CA GLU B 248 0.81 21.20 3.00
C GLU B 248 0.23 22.55 3.44
N ILE B 249 0.96 23.26 4.29
CA ILE B 249 0.53 24.57 4.77
C ILE B 249 1.63 25.58 4.51
N HIS B 250 1.26 26.72 3.94
CA HIS B 250 2.22 27.78 3.74
C HIS B 250 2.04 28.85 4.79
N PHE B 251 3.17 29.46 5.16
CA PHE B 251 3.18 30.55 6.10
C PHE B 251 3.71 31.79 5.42
N ASN B 252 2.75 32.66 5.06
CA ASN B 252 3.02 33.83 4.24
C ASN B 252 2.89 35.13 5.06
N GLN B 253 4.01 35.59 5.62
CA GLN B 253 4.03 36.79 6.45
C GLN B 253 3.05 36.75 7.63
N VAL B 254 3.02 35.66 8.40
CA VAL B 254 2.07 35.63 9.52
C VAL B 254 2.66 36.22 10.78
N ARG B 255 1.90 37.12 11.40
CA ARG B 255 2.33 37.84 12.59
C ARG B 255 1.58 37.34 13.83
N VAL B 256 2.34 36.94 14.85
CA VAL B 256 1.76 36.49 16.11
C VAL B 256 2.43 37.27 17.24
N PRO B 257 1.78 37.33 18.42
CA PRO B 257 2.34 37.96 19.61
C PRO B 257 3.58 37.23 20.13
N ALA B 258 4.58 38.00 20.58
CA ALA B 258 5.81 37.46 21.15
C ALA B 258 5.55 36.43 22.25
N THR B 259 4.43 36.62 22.97
CA THR B 259 4.01 35.70 24.04
C THR B 259 3.51 34.34 23.51
N ASN B 260 3.52 34.17 22.19
CA ASN B 260 3.16 32.90 21.55
C ASN B 260 4.33 31.93 21.50
N LEU B 261 5.54 32.46 21.70
CA LEU B 261 6.75 31.63 21.77
C LEU B 261 6.67 30.67 22.94
N ILE B 262 7.15 29.45 22.73
CA ILE B 262 7.13 28.43 23.76
C ILE B 262 8.51 28.35 24.42
N LEU B 263 8.50 28.63 25.72
CA LEU B 263 9.66 28.43 26.60
C LEU B 263 10.80 29.43 26.40
N GLY B 264 11.32 29.51 25.17
CA GLY B 264 12.40 30.43 24.88
C GLY B 264 13.01 30.25 23.50
N GLU B 265 13.66 31.32 23.03
CA GLU B 265 14.36 31.30 21.75
C GLU B 265 15.59 30.41 21.86
N GLY B 266 15.76 29.54 20.88
CA GLY B 266 16.87 28.57 20.86
C GLY B 266 16.48 27.17 21.36
N ARG B 267 15.26 27.03 21.85
CA ARG B 267 14.86 25.79 22.52
C ARG B 267 14.06 24.82 21.64
N GLY B 268 13.92 25.14 20.36
CA GLY B 268 13.23 24.28 19.38
C GLY B 268 13.50 22.78 19.49
N PHE B 269 14.76 22.37 19.28
CA PHE B 269 15.16 20.96 19.32
C PHE B 269 14.77 20.28 20.64
N GLU B 270 15.02 20.98 21.73
CA GLU B 270 14.67 20.51 23.06
C GLU B 270 13.18 20.11 23.17
N ILE B 271 12.31 21.02 22.75
CA ILE B 271 10.87 20.83 22.83
C ILE B 271 10.39 19.71 21.90
N SER B 272 10.92 19.67 20.69
CA SER B 272 10.55 18.59 19.79
C SER B 272 10.98 17.25 20.37
N GLN B 273 12.12 17.23 21.07
CA GLN B 273 12.60 15.98 21.68
C GLN B 273 11.63 15.64 22.79
N GLY B 274 11.26 16.67 23.55
CA GLY B 274 10.31 16.57 24.66
C GLY B 274 8.98 15.97 24.25
N ARG B 275 8.47 16.37 23.09
CA ARG B 275 7.17 15.84 22.63
C ARG B 275 7.27 14.52 21.89
N LEU B 276 8.28 14.35 21.01
CA LEU B 276 8.35 13.17 20.14
C LEU B 276 8.68 11.87 20.89
N GLY B 277 9.37 11.96 22.03
CA GLY B 277 9.62 10.80 22.91
C GLY B 277 8.36 10.00 23.25
N PRO B 278 7.38 10.64 23.91
CA PRO B 278 6.05 10.02 24.08
C PRO B 278 5.37 9.76 22.74
N GLY B 279 5.41 10.71 21.82
CA GLY B 279 4.83 10.49 20.50
C GLY B 279 5.24 9.13 19.98
N ARG B 280 6.56 8.93 19.92
CA ARG B 280 7.15 7.68 19.42
C ARG B 280 6.60 6.48 20.17
N ILE B 281 6.61 6.54 21.49
CA ILE B 281 6.21 5.38 22.25
C ILE B 281 4.69 5.05 22.17
N HIS B 282 3.85 6.08 22.04
CA HIS B 282 2.40 5.88 21.95
C HIS B 282 2.01 5.19 20.66
N HIS B 283 2.66 5.59 19.57
CA HIS B 283 2.49 4.93 18.28
C HIS B 283 2.84 3.43 18.36
N CYS B 284 3.95 3.10 19.04
CA CYS B 284 4.38 1.72 19.19
C CYS B 284 3.41 0.88 20.01
N MET B 285 2.91 1.44 21.11
CA MET B 285 1.94 0.75 21.94
C MET B 285 0.71 0.43 21.13
N ARG B 286 0.28 1.36 20.30
CA ARG B 286 -0.93 1.14 19.53
C ARG B 286 -0.68 0.03 18.50
N THR B 287 0.54 -0.01 18.00
CA THR B 287 0.94 -0.95 16.98
C THR B 287 0.87 -2.40 17.46
N VAL B 288 1.17 -2.64 18.74
CA VAL B 288 1.00 -3.99 19.33
C VAL B 288 -0.45 -4.48 19.19
N GLY B 289 -1.41 -3.58 19.44
CA GLY B 289 -2.83 -3.88 19.27
C GLY B 289 -3.19 -4.09 17.81
N LEU B 290 -2.60 -3.25 16.95
CA LEU B 290 -2.76 -3.42 15.52
C LEU B 290 -2.34 -4.83 15.09
N ALA B 291 -1.15 -5.25 15.49
CA ALA B 291 -0.65 -6.59 15.19
C ALA B 291 -1.57 -7.70 15.69
N GLU B 292 -2.03 -7.60 16.93
CA GLU B 292 -2.85 -8.66 17.50
C GLU B 292 -4.13 -8.79 16.69
N ARG B 293 -4.56 -7.67 16.12
CA ARG B 293 -5.77 -7.67 15.32
C ARG B 293 -5.54 -8.34 13.96
N ALA B 294 -4.41 -8.03 13.33
CA ALA B 294 -3.98 -8.72 12.09
C ALA B 294 -3.90 -10.25 12.26
N LEU B 295 -3.28 -10.71 13.35
CA LEU B 295 -3.10 -12.11 13.58
C LEU B 295 -4.44 -12.80 13.81
N GLN B 296 -5.37 -12.10 14.43
CA GLN B 296 -6.70 -12.63 14.59
C GLN B 296 -7.37 -12.79 13.24
N ILE B 297 -7.23 -11.79 12.38
CA ILE B 297 -7.84 -11.85 11.07
C ILE B 297 -7.22 -12.97 10.23
N MET B 298 -5.90 -13.09 10.32
CA MET B 298 -5.14 -14.14 9.68
C MET B 298 -5.60 -15.55 10.09
N CYS B 299 -5.87 -15.79 11.36
CA CYS B 299 -6.28 -17.14 11.83
C CYS B 299 -7.72 -17.51 11.52
N GLU B 300 -8.63 -16.53 11.65
CA GLU B 300 -10.02 -16.71 11.24
C GLU B 300 -10.05 -17.10 9.77
N ARG B 301 -9.29 -16.38 8.95
CA ARG B 301 -9.24 -16.62 7.53
C ARG B 301 -8.63 -18.00 7.18
N ALA B 302 -7.48 -18.29 7.79
CA ALA B 302 -6.78 -19.54 7.55
C ALA B 302 -7.60 -20.78 7.90
N THR B 303 -8.71 -20.62 8.64
CA THR B 303 -9.56 -21.74 9.01
C THR B 303 -10.82 -21.79 8.18
N GLN B 304 -11.14 -20.67 7.55
CA GLN B 304 -12.33 -20.56 6.73
C GLN B 304 -12.14 -20.91 5.28
N ARG B 305 -10.92 -21.18 4.84
CA ARG B 305 -10.68 -21.46 3.43
C ARG B 305 -10.01 -22.80 3.20
N ILE B 306 -10.62 -23.64 2.36
CA ILE B 306 -10.00 -24.87 1.89
C ILE B 306 -9.34 -24.68 0.51
N ALA B 307 -8.04 -24.94 0.43
CA ALA B 307 -7.29 -24.98 -0.83
C ALA B 307 -6.42 -26.23 -0.86
N PHE B 308 -6.46 -26.92 -2.00
CA PHE B 308 -5.78 -28.18 -2.23
C PHE B 308 -6.13 -29.24 -1.18
N LYS B 309 -7.41 -29.31 -0.84
CA LYS B 309 -7.96 -30.36 0.05
C LYS B 309 -7.62 -30.22 1.55
N LYS B 310 -7.14 -29.05 1.97
CA LYS B 310 -6.78 -28.75 3.37
C LYS B 310 -7.28 -27.35 3.70
N LYS B 311 -7.55 -27.09 4.97
CA LYS B 311 -7.67 -25.72 5.45
C LYS B 311 -6.29 -25.06 5.32
N LEU B 312 -6.26 -23.73 5.11
CA LEU B 312 -4.98 -23.04 4.86
C LEU B 312 -3.96 -23.12 6.00
N TYR B 313 -4.43 -23.17 7.24
CA TYR B 313 -3.51 -23.37 8.37
C TYR B 313 -2.79 -24.75 8.36
N ALA B 314 -3.32 -25.69 7.58
CA ALA B 314 -2.70 -27.00 7.43
C ALA B 314 -1.57 -26.99 6.38
N HIS B 315 -1.45 -25.90 5.62
CA HIS B 315 -0.32 -25.68 4.74
C HIS B 315 0.81 -25.07 5.59
N GLU B 316 1.86 -25.85 5.84
CA GLU B 316 2.82 -25.54 6.89
C GLU B 316 3.43 -24.15 6.79
N VAL B 317 3.48 -23.63 5.57
CA VAL B 317 4.06 -22.30 5.33
C VAL B 317 3.19 -21.23 5.97
N VAL B 318 1.87 -21.40 5.86
CA VAL B 318 0.94 -20.49 6.49
C VAL B 318 1.02 -20.62 7.99
N ALA B 319 1.04 -21.87 8.48
CA ALA B 319 1.22 -22.18 9.89
C ALA B 319 2.40 -21.43 10.45
N HIS B 320 3.54 -21.49 9.77
CA HIS B 320 4.75 -20.83 10.26
C HIS B 320 4.67 -19.30 10.24
N TRP B 321 3.79 -18.72 9.43
CA TRP B 321 3.58 -17.25 9.49
C TRP B 321 2.78 -16.85 10.72
N ILE B 322 1.79 -17.66 11.05
CA ILE B 322 1.06 -17.51 12.30
C ILE B 322 2.01 -17.56 13.51
N ALA B 323 2.87 -18.58 13.57
CA ALA B 323 3.80 -18.76 14.67
C ALA B 323 4.81 -17.61 14.71
N GLU B 324 5.40 -17.28 13.57
CA GLU B 324 6.36 -16.15 13.49
C GLU B 324 5.73 -14.84 13.96
N SER B 325 4.44 -14.67 13.68
CA SER B 325 3.70 -13.50 14.14
C SER B 325 3.58 -13.46 15.64
N ARG B 326 3.14 -14.56 16.25
CA ARG B 326 3.05 -14.63 17.68
C ARG B 326 4.40 -14.27 18.30
N ILE B 327 5.48 -14.88 17.83
CA ILE B 327 6.79 -14.56 18.35
C ILE B 327 7.08 -13.07 18.27
N ALA B 328 6.79 -12.46 17.13
CA ALA B 328 7.12 -11.05 16.96
C ALA B 328 6.33 -10.12 17.90
N ILE B 329 5.06 -10.43 18.13
CA ILE B 329 4.22 -9.62 18.99
C ILE B 329 4.78 -9.63 20.40
N GLU B 330 5.03 -10.83 20.93
CA GLU B 330 5.57 -10.95 22.27
C GLU B 330 6.87 -10.18 22.44
N LYS B 331 7.78 -10.33 21.50
CA LYS B 331 9.00 -9.53 21.48
C LYS B 331 8.75 -8.03 21.54
N ILE B 332 7.88 -7.52 20.69
CA ILE B 332 7.71 -6.06 20.67
C ILE B 332 6.87 -5.51 21.82
N ARG B 333 5.91 -6.30 22.33
CA ARG B 333 5.14 -5.86 23.50
C ARG B 333 6.12 -5.68 24.65
N LEU B 334 6.93 -6.69 24.90
CA LEU B 334 7.91 -6.64 25.99
C LEU B 334 8.87 -5.47 25.84
N LEU B 335 9.34 -5.23 24.62
CA LEU B 335 10.26 -4.12 24.38
C LEU B 335 9.55 -2.76 24.55
N THR B 336 8.25 -2.72 24.26
CA THR B 336 7.42 -1.54 24.53
C THR B 336 7.34 -1.32 26.04
N LEU B 337 7.05 -2.39 26.77
CA LEU B 337 6.98 -2.31 28.24
C LEU B 337 8.29 -1.91 28.89
N LYS B 338 9.38 -2.53 28.47
CA LYS B 338 10.71 -2.12 28.91
C LYS B 338 10.92 -0.59 28.76
N ALA B 339 10.58 -0.05 27.60
CA ALA B 339 10.73 1.37 27.30
C ALA B 339 9.85 2.22 28.22
N ALA B 340 8.57 1.87 28.30
CA ALA B 340 7.66 2.55 29.19
C ALA B 340 8.22 2.60 30.61
N HIS B 341 8.74 1.48 31.09
CA HIS B 341 9.24 1.35 32.46
C HIS B 341 10.46 2.22 32.67
N SER B 342 11.22 2.42 31.59
CA SER B 342 12.32 3.36 31.62
C SER B 342 11.84 4.79 31.82
N MET B 343 10.83 5.18 31.06
CA MET B 343 10.27 6.53 31.14
C MET B 343 9.77 6.84 32.54
N ASP B 344 9.13 5.83 33.15
CA ASP B 344 8.64 5.94 34.52
C ASP B 344 9.75 6.22 35.53
N THR B 345 10.90 5.59 35.34
CA THR B 345 11.98 5.70 36.33
C THR B 345 13.09 6.65 35.90
N LEU B 346 13.09 7.07 34.64
CA LEU B 346 14.18 7.93 34.13
C LEU B 346 13.72 9.25 33.50
N GLY B 347 12.43 9.36 33.21
CA GLY B 347 11.93 10.45 32.37
C GLY B 347 12.20 10.11 30.92
N SER B 348 11.56 10.81 30.01
CA SER B 348 11.65 10.46 28.59
C SER B 348 12.99 10.84 27.93
N ALA B 349 13.72 11.77 28.55
CA ALA B 349 15.06 12.10 28.04
C ALA B 349 15.99 10.97 28.39
N GLY B 350 15.95 10.52 29.65
CA GLY B 350 16.79 9.42 30.11
C GLY B 350 16.47 8.05 29.52
N ALA B 351 15.35 7.95 28.82
CA ALA B 351 14.89 6.68 28.22
C ALA B 351 15.09 6.70 26.71
N LYS B 352 15.81 7.73 26.25
CA LYS B 352 16.12 7.98 24.84
C LYS B 352 16.38 6.69 24.10
N LYS B 353 17.36 5.92 24.57
CA LYS B 353 17.82 4.69 23.94
C LYS B 353 16.68 3.68 23.76
N GLU B 354 15.96 3.40 24.83
CA GLU B 354 14.91 2.40 24.77
C GLU B 354 13.76 2.83 23.87
N ILE B 355 13.52 4.14 23.76
CA ILE B 355 12.45 4.61 22.88
C ILE B 355 12.87 4.40 21.45
N ALA B 356 14.10 4.80 21.14
CA ALA B 356 14.71 4.52 19.83
C ALA B 356 14.60 3.05 19.43
N MET B 357 14.99 2.15 20.32
CA MET B 357 14.94 0.71 20.05
C MET B 357 13.55 0.22 19.64
N ILE B 358 12.54 0.63 20.39
CA ILE B 358 11.19 0.23 20.09
C ILE B 358 10.65 0.93 18.81
N LYS B 359 11.06 2.18 18.58
CA LYS B 359 10.66 2.93 17.39
C LYS B 359 11.11 2.24 16.10
N VAL B 360 12.28 1.58 16.15
CA VAL B 360 12.80 0.85 15.01
C VAL B 360 12.07 -0.48 14.90
N ALA B 361 12.10 -1.24 16.00
CA ALA B 361 11.62 -2.59 16.03
C ALA B 361 10.16 -2.72 15.64
N ALA B 362 9.29 -1.95 16.28
CA ALA B 362 7.84 -2.15 16.16
C ALA B 362 7.21 -2.00 14.76
N PRO B 363 7.38 -0.82 14.10
CA PRO B 363 6.70 -0.64 12.81
C PRO B 363 7.06 -1.69 11.74
N ARG B 364 8.34 -2.02 11.60
CA ARG B 364 8.74 -2.98 10.58
C ARG B 364 8.27 -4.41 10.87
N ALA B 365 8.31 -4.82 12.15
CA ALA B 365 7.84 -6.14 12.53
C ALA B 365 6.35 -6.26 12.21
N VAL B 366 5.56 -5.31 12.66
CA VAL B 366 4.11 -5.36 12.49
C VAL B 366 3.72 -5.21 11.02
N SER B 367 4.47 -4.39 10.30
CA SER B 367 4.38 -4.32 8.85
C SER B 367 4.42 -5.70 8.15
N LYS B 368 5.43 -6.49 8.50
CA LYS B 368 5.58 -7.86 8.05
C LYS B 368 4.39 -8.75 8.42
N ILE B 369 3.88 -8.62 9.64
CA ILE B 369 2.72 -9.39 10.10
C ILE B 369 1.48 -9.07 9.27
N VAL B 370 1.28 -7.78 8.98
CA VAL B 370 0.16 -7.32 8.20
C VAL B 370 0.25 -7.82 6.75
N ASP B 371 1.46 -7.75 6.18
CA ASP B 371 1.72 -8.25 4.85
C ASP B 371 1.48 -9.74 4.67
N TRP B 372 1.81 -10.55 5.68
CA TRP B 372 1.47 -11.98 5.69
C TRP B 372 -0.02 -12.19 5.81
N ALA B 373 -0.67 -11.42 6.68
CA ALA B 373 -2.12 -11.45 6.80
C ALA B 373 -2.84 -11.10 5.49
N ILE B 374 -2.30 -10.13 4.74
CA ILE B 374 -2.84 -9.77 3.43
C ILE B 374 -2.74 -10.92 2.45
N GLN B 375 -1.56 -11.57 2.44
CA GLN B 375 -1.25 -12.72 1.59
C GLN B 375 -2.18 -13.88 1.88
N VAL B 376 -2.51 -14.09 3.16
CA VAL B 376 -3.38 -15.19 3.57
C VAL B 376 -4.79 -14.93 3.06
N CYS B 377 -5.16 -13.65 3.00
CA CYS B 377 -6.50 -13.26 2.56
C CYS B 377 -6.71 -13.26 1.05
N GLY B 378 -5.66 -13.52 0.28
CA GLY B 378 -5.78 -13.50 -1.16
C GLY B 378 -6.01 -12.10 -1.67
N GLY B 379 -6.72 -11.97 -2.79
CA GLY B 379 -7.06 -10.66 -3.31
C GLY B 379 -7.82 -9.79 -2.32
N ALA B 380 -8.58 -10.42 -1.43
CA ALA B 380 -9.38 -9.69 -0.47
C ALA B 380 -8.48 -8.85 0.44
N GLY B 381 -7.24 -9.30 0.63
CA GLY B 381 -6.30 -8.65 1.53
C GLY B 381 -5.88 -7.24 1.14
N VAL B 382 -5.95 -6.91 -0.13
CA VAL B 382 -5.69 -5.53 -0.57
C VAL B 382 -6.96 -4.73 -0.76
N SER B 383 -8.11 -5.38 -0.54
CA SER B 383 -9.44 -4.79 -0.79
C SER B 383 -10.06 -3.99 0.38
N GLN B 384 -11.19 -3.36 0.09
CA GLN B 384 -11.92 -2.60 1.08
C GLN B 384 -12.73 -3.49 2.01
N ASP B 385 -12.76 -4.80 1.74
CA ASP B 385 -13.48 -5.74 2.57
C ASP B 385 -12.77 -6.12 3.87
N TYR B 386 -11.52 -5.70 4.05
CA TYR B 386 -10.76 -5.96 5.27
C TYR B 386 -10.05 -4.68 5.69
N PRO B 387 -9.65 -4.56 6.97
CA PRO B 387 -8.87 -3.39 7.33
C PRO B 387 -7.35 -3.55 7.12
N LEU B 388 -6.91 -4.63 6.48
CA LEU B 388 -5.47 -4.94 6.42
C LEU B 388 -4.68 -3.95 5.56
N ALA B 389 -5.26 -3.59 4.43
CA ALA B 389 -4.60 -2.64 3.51
C ALA B 389 -4.35 -1.29 4.18
N ASN B 390 -5.32 -0.81 4.95
CA ASN B 390 -5.16 0.37 5.78
C ASN B 390 -4.10 0.19 6.85
N MET B 391 -4.22 -0.92 7.58
CA MET B 391 -3.23 -1.30 8.59
C MET B 391 -1.82 -1.32 7.99
N TYR B 392 -1.67 -1.85 6.78
CA TYR B 392 -0.34 -1.84 6.16
C TYR B 392 0.19 -0.41 5.95
N ALA B 393 -0.61 0.44 5.34
CA ALA B 393 -0.29 1.85 5.15
C ALA B 393 0.12 2.55 6.45
N ILE B 394 -0.59 2.29 7.55
CA ILE B 394 -0.23 2.89 8.83
C ILE B 394 1.17 2.46 9.25
N THR B 395 1.43 1.16 9.21
CA THR B 395 2.75 0.71 9.67
C THR B 395 3.86 1.17 8.75
N ARG B 396 3.61 1.23 7.45
CA ARG B 396 4.62 1.68 6.51
C ARG B 396 5.03 3.11 6.86
N VAL B 397 4.04 3.92 7.19
CA VAL B 397 4.28 5.33 7.43
C VAL B 397 5.03 5.58 8.75
N LEU B 398 4.88 4.66 9.69
CA LEU B 398 5.56 4.74 10.97
C LEU B 398 7.08 4.44 10.90
N ARG B 399 7.53 3.89 9.77
CA ARG B 399 8.97 3.76 9.53
C ARG B 399 9.57 5.10 9.07
N LEU B 400 8.69 6.06 8.81
CA LEU B 400 9.08 7.43 8.42
C LEU B 400 8.71 8.50 9.48
N ALA B 401 7.43 8.51 9.87
CA ALA B 401 6.95 9.51 10.81
C ALA B 401 7.72 9.44 12.13
N ASP B 402 7.77 10.57 12.84
CA ASP B 402 8.45 10.70 14.11
C ASP B 402 9.91 10.22 14.03
N GLY B 403 10.45 10.21 12.81
CA GLY B 403 11.84 9.86 12.58
C GLY B 403 12.03 8.51 11.88
N PRO B 404 12.75 8.51 10.75
CA PRO B 404 12.91 7.30 9.94
C PRO B 404 13.85 6.30 10.61
N ASP B 405 13.66 5.02 10.32
CA ASP B 405 14.38 3.93 10.99
C ASP B 405 15.86 4.19 11.02
N GLU B 406 16.38 4.47 9.84
CA GLU B 406 17.80 4.68 9.65
C GLU B 406 18.41 5.71 10.65
N VAL B 407 17.65 6.77 10.95
CA VAL B 407 18.10 7.82 11.85
C VAL B 407 18.15 7.32 13.31
N HIS B 408 17.16 6.54 13.68
CA HIS B 408 17.11 5.96 15.02
C HIS B 408 18.19 4.91 15.17
N LEU B 409 18.44 4.15 14.10
CA LEU B 409 19.52 3.15 14.12
C LEU B 409 20.87 3.78 14.43
N SER B 410 21.19 4.87 13.74
CA SER B 410 22.41 5.62 13.97
C SER B 410 22.59 6.11 15.40
N ALA B 411 21.49 6.62 15.98
CA ALA B 411 21.51 7.07 17.38
C ALA B 411 21.80 5.91 18.33
N ILE B 412 21.15 4.77 18.09
CA ILE B 412 21.42 3.58 18.87
C ILE B 412 22.88 3.16 18.79
N ALA B 413 23.41 3.11 17.58
CA ALA B 413 24.83 2.82 17.40
C ALA B 413 25.72 3.76 18.21
N THR B 414 25.49 5.07 18.12
CA THR B 414 26.25 6.04 18.90
C THR B 414 26.13 5.80 20.41
N MET B 415 24.90 5.63 20.89
CA MET B 415 24.69 5.37 22.32
C MET B 415 25.31 4.05 22.76
N GLU B 416 25.17 3.01 21.94
CA GLU B 416 25.77 1.72 22.27
C GLU B 416 27.29 1.81 22.43
N LEU B 417 27.96 2.47 21.49
CA LEU B 417 29.40 2.66 21.54
C LEU B 417 29.86 3.53 22.73
N ARG B 418 28.99 4.42 23.22
CA ARG B 418 29.29 5.16 24.45
C ARG B 418 29.20 4.26 25.68
N ASP B 419 28.13 3.47 25.76
CA ASP B 419 27.92 2.56 26.90
C ASP B 419 29.00 1.51 26.88
N GLN B 420 29.32 1.03 25.69
CA GLN B 420 30.40 0.07 25.50
C GLN B 420 31.75 0.62 26.01
N ALA B 421 32.00 1.91 25.77
CA ALA B 421 33.21 2.58 26.26
C ALA B 421 33.17 2.74 27.76
N LYS B 422 32.01 3.12 28.30
CA LYS B 422 31.84 3.27 29.74
C LYS B 422 32.29 2.01 30.50
N ARG B 423 31.72 0.86 30.18
CA ARG B 423 32.02 -0.40 30.88
C ARG B 423 33.49 -0.85 30.85
N LEU B 424 34.27 -0.45 29.85
CA LEU B 424 35.68 -0.89 29.75
C LEU B 424 36.60 0.09 30.48
PA FAD C . -7.19 -17.87 -1.89
O1A FAD C . -8.47 -17.84 -0.88
O2A FAD C . -7.41 -18.95 -2.81
O5B FAD C . -5.81 -18.19 -1.06
C5B FAD C . -5.27 -17.08 -0.38
C4B FAD C . -3.84 -17.34 0.03
O4B FAD C . -3.64 -18.75 0.43
C3B FAD C . -2.89 -17.29 -1.18
O3B FAD C . -2.73 -15.97 -1.64
C2B FAD C . -1.66 -17.95 -0.56
O2B FAD C . -0.80 -17.08 0.16
C1B FAD C . -2.25 -19.03 0.25
N9A FAD C . -2.12 -20.34 -0.42
C8A FAD C . -2.93 -20.87 -1.36
N7A FAD C . -2.56 -22.25 -1.57
C5A FAD C . -1.38 -22.47 -0.82
C6A FAD C . -0.49 -23.61 -0.71
N6A FAD C . -0.70 -24.76 -1.56
N1A FAD C . 0.50 -23.58 0.16
C2A FAD C . 0.78 -22.43 0.95
N3A FAD C . -0.07 -21.30 0.75
C4A FAD C . -1.13 -21.37 -0.05
N1 FAD C . -8.70 -12.99 -10.98
C2 FAD C . -9.26 -13.27 -12.23
O2 FAD C . -9.90 -14.48 -12.42
N3 FAD C . -9.20 -12.34 -13.33
C4 FAD C . -8.58 -11.13 -13.14
O4 FAD C . -8.50 -10.22 -14.20
C4X FAD C . -8.01 -10.83 -11.91
N5 FAD C . -7.37 -9.53 -11.73
C5X FAD C . -6.80 -9.17 -10.42
C6 FAD C . -6.16 -7.83 -10.21
C7 FAD C . -5.60 -7.49 -8.88
C7M FAD C . -4.93 -6.11 -8.73
C8 FAD C . -5.68 -8.45 -7.77
C8M FAD C . -5.09 -8.17 -6.37
C9 FAD C . -6.30 -9.78 -7.98
C9A FAD C . -6.85 -10.11 -9.33
N10 FAD C . -7.50 -11.40 -9.52
C10 FAD C . -8.09 -11.77 -10.82
C1' FAD C . -7.53 -12.24 -8.29
C2' FAD C . -6.63 -13.48 -8.22
O2' FAD C . -5.94 -13.83 -9.11
C3' FAD C . -6.68 -14.24 -6.90
O3' FAD C . -6.97 -13.44 -5.78
C4' FAD C . -5.50 -15.19 -6.66
O4' FAD C . -5.49 -16.14 -7.68
C5' FAD C . -5.85 -15.84 -5.30
O5' FAD C . -7.22 -16.15 -5.26
P FAD C . -7.98 -15.89 -3.85
O1P FAD C . -8.24 -14.27 -3.65
O2P FAD C . -9.22 -16.64 -3.79
O3P FAD C . -6.94 -16.39 -2.64
P PO4 D . 27.29 8.08 8.31
O1 PO4 D . 27.53 9.39 7.58
O2 PO4 D . 28.40 7.88 9.34
O3 PO4 D . 25.93 8.14 8.98
O4 PO4 D . 27.30 6.92 7.34
UNK UNX E . -3.21 -11.28 -16.79
UNK UNX F . -4.92 -7.51 -14.93
UNK UNX G . -2.12 -4.69 -11.72
UNK UNX H . -2.78 -2.29 -9.43
UNK UNX I . -2.76 1.02 -9.22
PA FAD J . 14.42 13.03 4.43
O1A FAD J . 14.42 13.78 2.95
O2A FAD J . 14.86 13.89 5.53
O5B FAD J . 15.37 11.70 4.35
C5B FAD J . 14.88 10.70 3.48
C4B FAD J . 15.39 9.30 3.83
O4B FAD J . 16.87 9.34 3.99
C3B FAD J . 14.93 8.82 5.24
O3B FAD J . 13.61 8.35 5.27
C2B FAD J . 15.98 7.82 5.59
O2B FAD J . 15.68 6.50 5.27
C1B FAD J . 17.20 8.34 4.95
N9A FAD J . 18.13 8.93 5.92
C8A FAD J . 18.06 10.16 6.48
N7A FAD J . 19.25 10.29 7.32
C5A FAD J . 20.03 9.12 7.19
C6A FAD J . 21.25 8.66 7.85
N6A FAD J . 21.98 9.53 8.75
N1A FAD J . 21.75 7.47 7.57
C2A FAD J . 21.10 6.62 6.66
N3A FAD J . 19.89 7.06 6.04
C4A FAD J . 19.40 8.29 6.30
N1 FAD J . 5.84 15.75 9.99
C2 FAD J . 5.49 16.67 10.95
O2 FAD J . 6.41 17.66 11.26
N3 FAD J . 4.20 16.63 11.60
C4 FAD J . 3.29 15.63 11.27
O4 FAD J . 2.01 15.49 11.88
C4X FAD J . 3.66 14.72 10.29
N5 FAD J . 2.70 13.69 9.95
C5X FAD J . 3.01 12.70 8.92
C6 FAD J . 1.98 11.67 8.57
C7 FAD J . 2.31 10.68 7.52
C7M FAD J . 1.23 9.61 7.19
C8 FAD J . 3.60 10.73 6.85
C8M FAD J . 4.03 9.75 5.76
C9 FAD J . 4.60 11.76 7.21
C9A FAD J . 4.28 12.75 8.26
N10 FAD J . 5.26 13.78 8.60
C10 FAD J . 4.94 14.78 9.64
C1' FAD J . 6.53 13.69 7.82
C2' FAD J . 7.85 13.18 8.48
O2' FAD J . 7.97 12.91 9.62
C3' FAD J . 9.07 13.04 7.53
O3' FAD J . 8.65 12.66 6.24
C4' FAD J . 10.21 12.16 8.07
O4' FAD J . 10.44 12.32 9.43
C5' FAD J . 11.47 12.56 7.28
O5' FAD J . 11.28 13.75 6.57
P FAD J . 11.68 13.73 4.97
O1P FAD J . 10.41 13.37 3.97
O2P FAD J . 12.21 15.07 4.70
O3P FAD J . 12.85 12.58 4.74
P PO4 K . 1.39 -29.04 1.97
O1 PO4 K . 1.19 -27.81 1.09
O2 PO4 K . 1.67 -28.69 3.44
O3 PO4 K . 0.18 -29.95 1.90
O4 PO4 K . 2.58 -29.78 1.40
UNK UNX L . 2.99 12.28 16.46
UNK UNX M . 0.70 12.38 13.63
UNK UNX N . -2.60 6.94 6.99
UNK UNX O . -4.83 4.92 6.47
UNK UNX P . -7.38 4.28 8.29
UNK UNX Q . -9.75 1.75 8.50
UNK UNX R . 0.54 8.98 11.73
UNK UNX S . -5.92 0.19 13.25
UNK UNX T . -8.88 -1.52 12.57
#